data_6NMU
#
_entry.id   6NMU
#
_cell.length_a   56.931
_cell.length_b   71.742
_cell.length_c   77.731
_cell.angle_alpha   98.890
_cell.angle_beta   103.260
_cell.angle_gamma   90.070
#
_symmetry.space_group_name_H-M   'P 1'
#
loop_
_entity.id
_entity.type
_entity.pdbx_description
1 polymer 'Fab 115 anti-SIRP-alpha antibody Variable Light Chain'
2 polymer 'Fab 115 anti-SIRP-alpha antibody Variable Heavy Chain'
3 polymer 'Tyrosine-protein phosphatase non-receptor type substrate 1'
4 water water
#
loop_
_entity_poly.entity_id
_entity_poly.type
_entity_poly.pdbx_seq_one_letter_code
_entity_poly.pdbx_strand_id
1 'polypeptide(L)'
;ETVLTQSPATLSVSPGERATLSCRASQTVGSKLAWHQQKPGQAPRLLIYDATNRATGISDRFSGSGSGTDFTLTISSLQT
EDSAVYYCQQYYYWPPYRFGGGTKVEIKRTVAAPSVFIFPPSDEQLKSGTASVVCLLNNFYPREAKVQWKVDNALQSGNS
QESVTEQDSKDSTYSLSSTLTLSKADYEKHKVYACEVTHQGLSSPVTKSFNRGEC
;
L,A
2 'polypeptide(L)'
;DVQLVESGGGVVRPGESLRLSCAASGFSFSSYAMNWVRQAPGEGLEWVSRINSGGGGTDYAESVKGRFTISRDNSENTLY
LQMNSLRAEDTAVYYCAKQYDWNSFFDYWGLGALVTVSSASTKGPSVFPLAPSSKSTSGGTAALGCLVKDYFPEPVTVSW
NSGALTSGVHTFPAVLQSSGLYSLSSVVTVPSSSLGTQTYICNVNHKPSNTKVDKKVEPKSCHHHHHH
;
H,B
3 'polypeptide(L)'
;EEELQVIQPDKSVLVAAGETATLRCTATSLIPVGPIQWFRGAGPGRELIYNQKEGHFPRVTTVSDLTKRNNMDFSIRIGA
ITPADAGTYYCVKFRKGSPDDVEFKSGAGTELSVRAKPSTRHHHHHH
;
S,C
#
# COMPACT_ATOMS: atom_id res chain seq x y z
N GLU A 1 21.59 15.87 -20.20
CA GLU A 1 21.90 16.24 -18.79
C GLU A 1 23.37 16.00 -18.49
N THR A 2 24.00 16.96 -17.83
CA THR A 2 25.39 16.83 -17.38
C THR A 2 25.51 15.87 -16.19
N VAL A 3 26.44 14.93 -16.26
CA VAL A 3 26.66 13.98 -15.17
C VAL A 3 27.69 14.56 -14.21
N LEU A 4 27.32 14.69 -12.93
CA LEU A 4 28.22 15.20 -11.86
C LEU A 4 28.70 14.05 -10.97
N THR A 5 29.98 13.72 -11.08
CA THR A 5 30.63 12.65 -10.33
C THR A 5 31.39 13.26 -9.18
N GLN A 6 30.85 13.01 -8.02
CA GLN A 6 31.38 13.47 -6.78
C GLN A 6 32.24 12.33 -6.32
N SER A 7 33.34 12.65 -5.67
CA SER A 7 34.24 11.61 -5.26
C SER A 7 35.22 12.07 -4.18
N PRO A 8 35.72 11.13 -3.35
CA PRO A 8 35.26 9.72 -3.24
C PRO A 8 33.95 9.70 -2.48
N ALA A 9 33.31 8.55 -2.38
CA ALA A 9 31.98 8.47 -1.71
C ALA A 9 32.04 8.84 -0.22
N THR A 10 33.08 8.34 0.45
CA THR A 10 33.34 8.57 1.85
C THR A 10 34.78 8.99 1.99
N LEU A 11 35.06 9.91 2.86
CA LEU A 11 36.41 10.38 3.05
C LEU A 11 36.64 10.44 4.51
N SER A 12 37.74 9.85 4.97
CA SER A 12 38.12 9.88 6.38
C SER A 12 39.31 10.79 6.51
N VAL A 13 39.27 11.70 7.49
CA VAL A 13 40.33 12.68 7.71
C VAL A 13 40.54 12.75 9.20
N SER A 14 41.77 12.60 9.66
CA SER A 14 42.02 12.68 11.09
C SER A 14 41.91 14.14 11.57
N PRO A 15 41.60 14.35 12.87
CA PRO A 15 41.20 15.69 13.35
C PRO A 15 42.32 16.73 13.28
N GLY A 16 42.09 17.79 12.48
CA GLY A 16 43.04 18.89 12.33
C GLY A 16 43.68 18.97 10.96
N GLU A 17 43.58 17.89 10.19
CA GLU A 17 44.15 17.80 8.84
C GLU A 17 43.23 18.44 7.81
N ARG A 18 43.76 18.57 6.59
CA ARG A 18 43.03 19.11 5.44
C ARG A 18 42.20 18.00 4.81
N ALA A 19 41.01 18.35 4.35
CA ALA A 19 40.14 17.39 3.67
C ALA A 19 39.88 17.94 2.31
N THR A 20 39.91 17.08 1.31
CA THR A 20 39.90 17.48 -0.07
C THR A 20 38.89 16.62 -0.83
N LEU A 21 37.82 17.27 -1.24
CA LEU A 21 36.66 16.63 -1.81
C LEU A 21 36.65 17.03 -3.24
N SER A 22 36.28 16.11 -4.13
CA SER A 22 36.28 16.40 -5.58
C SER A 22 34.92 16.20 -6.25
N CYS A 23 34.62 17.05 -7.24
CA CYS A 23 33.42 16.91 -8.04
C CYS A 23 33.83 17.17 -9.47
N ARG A 24 33.34 16.31 -10.36
CA ARG A 24 33.78 16.27 -11.74
C ARG A 24 32.56 16.17 -12.66
N ALA A 25 32.52 17.06 -13.65
CA ALA A 25 31.39 17.14 -14.56
C ALA A 25 31.74 16.35 -15.83
N SER A 26 30.74 15.71 -16.44
CA SER A 26 30.94 15.01 -17.73
C SER A 26 31.38 15.94 -18.88
N GLN A 27 30.91 17.19 -18.84
CA GLN A 27 31.30 18.22 -19.80
C GLN A 27 31.48 19.56 -19.04
N THR A 28 32.14 20.52 -19.67
CA THR A 28 32.51 21.76 -19.00
C THR A 28 31.32 22.47 -18.34
N VAL A 29 31.54 22.96 -17.13
CA VAL A 29 30.56 23.69 -16.33
C VAL A 29 31.09 25.12 -15.96
N GLY A 30 32.17 25.53 -16.60
CA GLY A 30 32.65 26.92 -16.49
C GLY A 30 33.07 27.17 -15.06
N SER A 31 32.37 28.12 -14.46
CA SER A 31 32.54 28.46 -13.04
C SER A 31 31.34 28.15 -12.19
N LYS A 32 30.28 27.70 -12.82
CA LYS A 32 29.01 27.63 -12.16
C LYS A 32 28.86 26.29 -11.47
N LEU A 33 29.56 26.19 -10.34
CA LEU A 33 29.53 25.03 -9.46
C LEU A 33 29.37 25.54 -8.03
N ALA A 34 28.46 24.91 -7.28
CA ALA A 34 28.14 25.31 -5.93
C ALA A 34 28.22 24.13 -5.01
N TRP A 35 28.65 24.36 -3.77
CA TRP A 35 28.78 23.30 -2.80
C TRP A 35 27.84 23.57 -1.64
N HIS A 36 27.20 22.50 -1.18
CA HIS A 36 26.33 22.50 0.00
C HIS A 36 26.85 21.50 1.03
N GLN A 37 26.57 21.81 2.29
CA GLN A 37 26.88 20.94 3.41
C GLN A 37 25.56 20.55 4.03
N GLN A 38 25.39 19.26 4.30
CA GLN A 38 24.27 18.82 5.12
C GLN A 38 24.75 17.97 6.25
N LYS A 39 24.72 18.51 7.47
CA LYS A 39 25.05 17.76 8.69
C LYS A 39 23.89 16.83 9.02
N PRO A 40 24.14 15.77 9.80
CA PRO A 40 23.04 14.79 9.98
C PRO A 40 21.79 15.38 10.66
N GLY A 41 20.61 15.11 10.08
CA GLY A 41 19.34 15.62 10.61
C GLY A 41 19.12 17.13 10.60
N GLN A 42 19.85 17.85 9.76
CA GLN A 42 19.55 19.27 9.52
C GLN A 42 19.34 19.48 8.06
N ALA A 43 18.88 20.66 7.72
CA ALA A 43 18.80 21.06 6.32
C ALA A 43 20.19 21.32 5.74
N PRO A 44 20.26 21.36 4.41
CA PRO A 44 21.51 21.81 3.83
C PRO A 44 21.74 23.30 4.03
N ARG A 45 23.01 23.68 3.93
CA ARG A 45 23.43 25.07 3.84
C ARG A 45 24.44 25.20 2.70
N LEU A 46 24.32 26.30 1.97
CA LEU A 46 25.28 26.72 0.97
C LEU A 46 26.65 27.08 1.58
N LEU A 47 27.73 26.50 1.03
CA LEU A 47 29.11 26.89 1.39
C LEU A 47 29.73 27.77 0.32
N ILE A 48 29.79 27.26 -0.90
CA ILE A 48 30.57 27.86 -1.99
C ILE A 48 29.67 27.97 -3.19
N TYR A 49 29.76 29.11 -3.87
CA TYR A 49 29.10 29.29 -5.15
C TYR A 49 30.10 29.90 -6.13
N ASP A 50 29.79 29.82 -7.42
CA ASP A 50 30.68 30.33 -8.50
C ASP A 50 32.06 29.66 -8.45
N ALA A 51 32.08 28.40 -8.06
CA ALA A 51 33.29 27.58 -7.87
C ALA A 51 34.21 27.97 -6.73
N THR A 52 34.38 29.27 -6.49
CA THR A 52 35.40 29.78 -5.59
C THR A 52 34.91 30.74 -4.50
N ASN A 53 33.67 31.26 -4.57
CA ASN A 53 33.20 32.26 -3.60
C ASN A 53 32.46 31.66 -2.43
N ARG A 54 32.91 32.02 -1.22
CA ARG A 54 32.18 31.68 0.00
C ARG A 54 30.87 32.44 0.05
N ALA A 55 29.83 31.79 0.54
CA ALA A 55 28.56 32.48 0.85
C ALA A 55 28.70 33.37 2.09
N THR A 56 27.79 34.31 2.26
CA THR A 56 27.75 35.17 3.45
C THR A 56 27.68 34.35 4.75
N GLY A 57 28.57 34.63 5.70
CA GLY A 57 28.64 33.92 6.97
C GLY A 57 29.61 32.74 7.06
N ILE A 58 30.00 32.16 5.91
CA ILE A 58 30.74 30.87 5.89
C ILE A 58 32.22 31.04 6.29
N SER A 59 32.72 30.04 7.03
CA SER A 59 34.08 30.05 7.57
C SER A 59 35.16 29.95 6.50
N ASP A 60 36.28 30.61 6.73
CA ASP A 60 37.42 30.61 5.77
C ASP A 60 38.16 29.28 5.69
N ARG A 61 37.85 28.39 6.62
CA ARG A 61 38.27 26.97 6.56
C ARG A 61 37.72 26.22 5.34
N PHE A 62 36.54 26.63 4.83
CA PHE A 62 35.93 26.08 3.59
C PHE A 62 36.36 26.94 2.41
N SER A 63 36.94 26.30 1.39
CA SER A 63 37.34 26.98 0.18
C SER A 63 37.16 26.10 -1.05
N GLY A 64 36.95 26.78 -2.18
CA GLY A 64 36.65 26.13 -3.45
C GLY A 64 37.65 26.51 -4.53
N SER A 65 37.95 25.58 -5.41
CA SER A 65 38.87 25.84 -6.52
C SER A 65 38.50 25.07 -7.78
N GLY A 66 39.00 25.55 -8.92
CA GLY A 66 38.80 24.89 -10.19
C GLY A 66 37.88 25.60 -11.17
N SER A 67 37.87 25.04 -12.36
CA SER A 67 37.20 25.61 -13.51
C SER A 67 37.01 24.56 -14.57
N GLY A 68 35.96 24.67 -15.36
CA GLY A 68 35.73 23.75 -16.46
C GLY A 68 35.04 22.48 -15.98
N THR A 69 35.81 21.42 -15.76
CA THR A 69 35.26 20.12 -15.37
C THR A 69 35.70 19.59 -14.00
N ASP A 70 36.77 20.12 -13.43
CA ASP A 70 37.37 19.54 -12.23
C ASP A 70 37.34 20.58 -11.14
N PHE A 71 36.71 20.23 -10.03
CA PHE A 71 36.49 21.14 -8.91
C PHE A 71 36.87 20.45 -7.62
N THR A 72 37.20 21.26 -6.63
CA THR A 72 37.59 20.80 -5.32
C THR A 72 36.91 21.62 -4.20
N LEU A 73 36.48 20.93 -3.14
CA LEU A 73 36.23 21.61 -1.88
C LEU A 73 37.34 21.19 -0.93
N THR A 74 37.87 22.15 -0.18
CA THR A 74 38.96 21.93 0.78
C THR A 74 38.51 22.42 2.15
N ILE A 75 38.67 21.57 3.16
CA ILE A 75 38.28 21.93 4.53
C ILE A 75 39.56 21.91 5.33
N SER A 76 39.93 23.07 5.87
CA SER A 76 41.29 23.27 6.35
C SER A 76 41.65 22.48 7.59
N SER A 77 40.95 22.75 8.67
CA SER A 77 41.39 22.29 9.98
C SER A 77 40.25 21.52 10.61
N LEU A 78 40.01 20.34 10.04
CA LEU A 78 38.79 19.55 10.27
C LEU A 78 38.37 19.37 11.74
N GLN A 79 37.19 19.86 12.08
CA GLN A 79 36.58 19.66 13.38
C GLN A 79 35.53 18.55 13.26
N THR A 80 35.14 17.97 14.39
CA THR A 80 34.08 16.95 14.42
C THR A 80 32.72 17.49 13.91
N GLU A 81 32.52 18.79 14.04
CA GLU A 81 31.36 19.51 13.49
C GLU A 81 31.28 19.57 11.96
N ASP A 82 32.34 19.16 11.24
CA ASP A 82 32.32 19.05 9.77
C ASP A 82 31.96 17.66 9.26
N SER A 83 31.71 16.72 10.17
CA SER A 83 31.09 15.46 9.79
C SER A 83 29.78 15.82 9.15
N ALA A 84 29.60 15.48 7.88
CA ALA A 84 28.43 15.85 7.12
C ALA A 84 28.55 15.27 5.75
N VAL A 85 27.45 15.36 4.99
CA VAL A 85 27.49 15.08 3.55
C VAL A 85 27.57 16.41 2.78
N TYR A 86 28.38 16.41 1.71
CA TYR A 86 28.57 17.57 0.86
C TYR A 86 28.10 17.23 -0.56
N TYR A 87 27.28 18.10 -1.16
CA TYR A 87 26.73 17.91 -2.52
C TYR A 87 27.20 19.05 -3.46
N CYS A 88 27.49 18.72 -4.71
CA CYS A 88 27.79 19.75 -5.72
C CYS A 88 26.55 19.99 -6.61
N GLN A 89 26.44 21.20 -7.14
CA GLN A 89 25.29 21.59 -7.97
C GLN A 89 25.80 22.46 -9.10
N GLN A 90 25.52 22.10 -10.35
CA GLN A 90 25.95 22.95 -11.48
C GLN A 90 24.76 23.76 -11.99
N TYR A 91 25.04 24.94 -12.55
CA TYR A 91 24.00 25.83 -13.09
C TYR A 91 24.49 26.51 -14.37
N TYR A 92 25.33 25.79 -15.10
CA TYR A 92 25.87 26.20 -16.38
C TYR A 92 24.90 25.82 -17.50
N TYR A 93 24.33 24.62 -17.41
CA TYR A 93 23.27 24.17 -18.31
C TYR A 93 21.95 24.29 -17.58
N TRP A 94 20.88 24.46 -18.35
CA TRP A 94 19.55 24.26 -17.82
C TRP A 94 19.32 22.74 -17.78
N PRO A 95 18.72 22.18 -16.72
CA PRO A 95 18.24 22.73 -15.42
C PRO A 95 19.30 22.69 -14.31
N PRO A 96 19.24 23.63 -13.32
CA PRO A 96 20.16 23.66 -12.17
C PRO A 96 19.92 22.67 -11.02
N TYR A 97 18.72 22.10 -10.95
CA TYR A 97 18.27 21.40 -9.72
C TYR A 97 18.64 19.92 -9.63
N ARG A 98 19.80 19.53 -10.16
CA ARG A 98 20.35 18.19 -9.92
C ARG A 98 21.57 18.29 -9.02
N PHE A 99 21.80 17.24 -8.25
CA PHE A 99 22.98 17.12 -7.39
C PHE A 99 23.89 15.92 -7.73
N GLY A 100 25.18 16.08 -7.48
CA GLY A 100 26.10 14.94 -7.44
C GLY A 100 25.62 13.88 -6.45
N GLY A 101 26.33 12.77 -6.34
CA GLY A 101 25.95 11.74 -5.38
C GLY A 101 26.21 12.07 -3.92
N GLY A 102 27.00 13.12 -3.66
CA GLY A 102 27.45 13.42 -2.32
C GLY A 102 28.68 12.65 -1.87
N THR A 103 29.41 13.24 -0.93
CA THR A 103 30.59 12.68 -0.32
C THR A 103 30.41 12.77 1.20
N LYS A 104 30.43 11.64 1.90
CA LYS A 104 30.29 11.66 3.36
C LYS A 104 31.69 11.90 3.92
N VAL A 105 31.81 12.75 4.94
CA VAL A 105 33.09 13.01 5.61
C VAL A 105 32.97 12.55 7.06
N GLU A 106 33.92 11.74 7.49
CA GLU A 106 33.98 11.18 8.83
C GLU A 106 35.39 11.28 9.43
N ILE A 107 35.48 11.31 10.76
CA ILE A 107 36.77 11.51 11.43
C ILE A 107 37.58 10.22 11.41
N LYS A 108 38.79 10.28 10.84
CA LYS A 108 39.71 9.12 10.81
C LYS A 108 40.42 8.91 12.15
N ARG A 109 40.62 7.63 12.46
CA ARG A 109 41.01 7.07 13.74
C ARG A 109 41.78 5.75 13.45
N THR A 110 42.57 5.26 14.41
CA THR A 110 43.17 3.91 14.31
C THR A 110 42.11 2.80 14.29
N VAL A 111 42.41 1.68 13.65
CA VAL A 111 41.50 0.56 13.61
C VAL A 111 41.14 0.12 15.03
N ALA A 112 39.86 -0.12 15.30
CA ALA A 112 39.41 -0.77 16.54
C ALA A 112 38.47 -1.93 16.20
N ALA A 113 38.82 -3.13 16.65
CA ALA A 113 38.03 -4.36 16.39
C ALA A 113 36.73 -4.36 17.19
N PRO A 114 35.59 -4.75 16.59
CA PRO A 114 34.33 -4.78 17.34
C PRO A 114 34.29 -5.86 18.38
N SER A 115 33.76 -5.51 19.57
CA SER A 115 33.26 -6.50 20.56
C SER A 115 31.93 -7.05 20.06
N VAL A 116 31.83 -8.36 19.89
CA VAL A 116 30.63 -9.02 19.37
C VAL A 116 29.83 -9.67 20.48
N PHE A 117 28.50 -9.49 20.47
CA PHE A 117 27.55 -10.17 21.38
C PHE A 117 26.27 -10.58 20.67
N ILE A 118 25.71 -11.71 21.07
CA ILE A 118 24.49 -12.28 20.50
C ILE A 118 23.47 -12.42 21.64
N PHE A 119 22.23 -12.06 21.34
CA PHE A 119 21.13 -12.14 22.28
C PHE A 119 20.07 -13.06 21.70
N PRO A 120 19.73 -14.15 22.41
CA PRO A 120 18.58 -14.94 22.00
C PRO A 120 17.27 -14.17 22.29
N PRO A 121 16.17 -14.55 21.65
CA PRO A 121 14.91 -13.88 21.87
C PRO A 121 14.41 -14.20 23.28
N SER A 122 13.82 -13.22 23.96
CA SER A 122 13.29 -13.41 25.31
C SER A 122 12.03 -14.27 25.26
N ASP A 123 11.76 -14.98 26.34
CA ASP A 123 10.60 -15.89 26.38
C ASP A 123 9.29 -15.13 26.38
N GLU A 124 9.27 -13.96 27.05
CA GLU A 124 8.16 -13.02 26.95
C GLU A 124 7.81 -12.70 25.49
N GLN A 125 8.81 -12.37 24.67
CA GLN A 125 8.56 -12.11 23.26
C GLN A 125 7.96 -13.33 22.59
N LEU A 126 8.46 -14.52 22.94
CA LEU A 126 7.98 -15.76 22.31
C LEU A 126 6.49 -16.04 22.54
N LYS A 127 5.86 -15.43 23.55
CA LYS A 127 4.40 -15.55 23.69
C LYS A 127 3.65 -14.85 22.54
N SER A 128 4.13 -13.67 22.14
CA SER A 128 3.61 -12.91 21.01
C SER A 128 3.53 -13.65 19.67
N GLY A 129 4.45 -14.59 19.44
CA GLY A 129 4.51 -15.37 18.18
C GLY A 129 5.61 -15.04 17.15
N THR A 130 6.40 -13.98 17.40
CA THR A 130 7.56 -13.61 16.57
C THR A 130 8.85 -13.55 17.43
N ALA A 131 9.98 -13.94 16.83
CA ALA A 131 11.25 -14.07 17.55
C ALA A 131 12.32 -13.19 16.94
N SER A 132 12.96 -12.36 17.76
CA SER A 132 14.09 -11.50 17.31
C SER A 132 15.43 -11.93 17.90
N VAL A 133 16.43 -12.11 17.04
CA VAL A 133 17.76 -12.44 17.50
C VAL A 133 18.62 -11.23 17.20
N VAL A 134 19.22 -10.66 18.23
CA VAL A 134 19.99 -9.44 18.10
C VAL A 134 21.48 -9.74 18.21
N CYS A 135 22.26 -9.19 17.28
CA CYS A 135 23.71 -9.26 17.30
C CYS A 135 24.19 -7.83 17.38
N LEU A 136 25.16 -7.60 18.26
CA LEU A 136 25.67 -6.30 18.56
C LEU A 136 27.14 -6.32 18.29
N LEU A 137 27.61 -5.38 17.49
CA LEU A 137 29.04 -5.15 17.27
C LEU A 137 29.32 -3.83 17.94
N ASN A 138 30.26 -3.81 18.87
CA ASN A 138 30.43 -2.68 19.74
C ASN A 138 31.78 -1.94 19.59
N ASN A 139 31.70 -0.68 19.17
CA ASN A 139 32.78 0.27 19.31
C ASN A 139 33.97 -0.06 18.41
N PHE A 140 33.73 0.00 17.11
CA PHE A 140 34.76 -0.32 16.12
C PHE A 140 35.01 0.82 15.12
N TYR A 141 36.12 0.70 14.40
CA TYR A 141 36.47 1.61 13.32
C TYR A 141 37.44 0.90 12.39
N PRO A 142 37.25 1.02 11.06
CA PRO A 142 36.19 1.72 10.32
C PRO A 142 34.84 1.02 10.33
N ARG A 143 33.84 1.67 9.73
CA ARG A 143 32.45 1.23 9.73
C ARG A 143 32.22 -0.01 8.90
N GLU A 144 33.13 -0.27 7.98
CA GLU A 144 33.02 -1.41 7.08
C GLU A 144 33.05 -2.73 7.85
N ALA A 145 31.89 -3.35 8.02
CA ALA A 145 31.74 -4.66 8.65
C ALA A 145 30.65 -5.46 7.94
N LYS A 146 30.87 -6.76 7.85
CA LYS A 146 29.86 -7.67 7.33
C LYS A 146 29.35 -8.54 8.48
N VAL A 147 28.05 -8.51 8.71
CA VAL A 147 27.45 -9.49 9.58
C VAL A 147 26.74 -10.51 8.71
N GLN A 148 26.96 -11.79 9.04
CA GLN A 148 26.32 -12.90 8.35
C GLN A 148 25.64 -13.80 9.39
N TRP A 149 24.33 -13.95 9.25
CA TRP A 149 23.59 -14.92 10.07
C TRP A 149 23.67 -16.33 9.50
N LYS A 150 23.85 -17.31 10.39
CA LYS A 150 23.80 -18.73 10.04
C LYS A 150 22.77 -19.41 10.93
N VAL A 151 21.86 -20.19 10.37
CA VAL A 151 20.91 -21.02 11.15
C VAL A 151 21.20 -22.49 10.86
N ASP A 152 21.66 -23.25 11.86
CA ASP A 152 22.17 -24.63 11.65
C ASP A 152 23.26 -24.64 10.55
N ASN A 153 24.14 -23.64 10.63
CA ASN A 153 25.28 -23.48 9.71
C ASN A 153 24.82 -23.23 8.26
N ALA A 154 23.63 -22.62 8.10
CA ALA A 154 23.05 -22.22 6.80
C ALA A 154 22.94 -20.72 6.71
N LEU A 155 23.42 -20.14 5.60
CA LEU A 155 23.42 -18.69 5.43
C LEU A 155 22.00 -18.12 5.31
N GLN A 156 21.75 -17.02 6.04
CA GLN A 156 20.44 -16.35 6.06
C GLN A 156 20.47 -15.12 5.19
N SER A 157 19.34 -14.83 4.56
CA SER A 157 19.22 -13.72 3.63
C SER A 157 17.82 -13.17 3.66
N GLY A 158 17.69 -11.85 3.68
CA GLY A 158 16.38 -11.17 3.60
C GLY A 158 15.47 -11.11 4.83
N ASN A 159 15.98 -11.63 5.96
CA ASN A 159 15.27 -11.70 7.23
C ASN A 159 15.99 -10.94 8.36
N SER A 160 16.90 -10.05 8.00
CA SER A 160 17.69 -9.25 8.96
C SER A 160 17.61 -7.78 8.60
N GLN A 161 17.96 -6.93 9.57
CA GLN A 161 18.09 -5.49 9.33
C GLN A 161 19.21 -4.93 10.21
N GLU A 162 20.00 -4.02 9.65
CA GLU A 162 21.11 -3.40 10.36
C GLU A 162 20.74 -1.97 10.74
N SER A 163 21.35 -1.53 11.83
CA SER A 163 21.21 -0.18 12.29
C SER A 163 22.56 0.22 12.80
N VAL A 164 23.00 1.42 12.45
CA VAL A 164 24.28 1.92 12.86
C VAL A 164 24.10 3.22 13.60
N THR A 165 24.83 3.36 14.69
CA THR A 165 24.94 4.64 15.36
C THR A 165 25.82 5.56 14.54
N GLU A 166 25.58 6.85 14.69
CA GLU A 166 26.49 7.81 14.15
C GLU A 166 27.80 7.82 14.95
N GLN A 167 28.86 8.14 14.23
CA GLN A 167 30.20 8.15 14.78
C GLN A 167 30.19 8.91 16.09
N ASP A 168 30.87 8.35 17.08
CA ASP A 168 30.94 8.96 18.38
C ASP A 168 31.72 10.27 18.30
N SER A 169 31.30 11.27 19.07
CA SER A 169 32.04 12.53 19.19
C SER A 169 33.43 12.28 19.73
N LYS A 170 33.52 11.42 20.74
CA LYS A 170 34.74 11.25 21.52
C LYS A 170 35.79 10.33 20.88
N ASP A 171 35.46 9.05 20.72
CA ASP A 171 36.44 8.03 20.26
C ASP A 171 36.33 7.68 18.78
N SER A 172 35.33 8.24 18.10
CA SER A 172 35.15 8.09 16.64
C SER A 172 34.84 6.65 16.18
N THR A 173 34.31 5.82 17.08
CA THR A 173 33.93 4.46 16.75
C THR A 173 32.48 4.38 16.41
N TYR A 174 32.09 3.28 15.78
CA TYR A 174 30.71 2.98 15.43
C TYR A 174 30.20 1.77 16.22
N SER A 175 28.89 1.71 16.39
CA SER A 175 28.25 0.50 16.87
C SER A 175 27.15 0.11 15.92
N LEU A 176 26.88 -1.18 15.89
CA LEU A 176 26.03 -1.79 14.89
C LEU A 176 25.23 -2.96 15.51
N SER A 177 23.95 -2.98 15.22
CA SER A 177 23.11 -4.08 15.63
C SER A 177 22.55 -4.65 14.35
N SER A 178 22.51 -5.98 14.26
CA SER A 178 21.74 -6.67 13.25
C SER A 178 20.68 -7.49 13.97
N THR A 179 19.45 -7.47 13.45
CA THR A 179 18.33 -8.15 14.10
C THR A 179 17.66 -9.13 13.16
N LEU A 180 17.72 -10.41 13.50
CA LEU A 180 17.05 -11.45 12.71
C LEU A 180 15.63 -11.60 13.24
N THR A 181 14.65 -11.66 12.34
CA THR A 181 13.26 -11.80 12.70
C THR A 181 12.72 -13.05 12.06
N LEU A 182 12.35 -14.02 12.87
CA LEU A 182 11.67 -15.22 12.41
C LEU A 182 10.38 -15.35 13.20
N SER A 183 9.40 -16.04 12.64
CA SER A 183 8.23 -16.47 13.42
C SER A 183 8.67 -17.49 14.49
N LYS A 184 7.84 -17.65 15.51
CA LYS A 184 8.00 -18.72 16.50
C LYS A 184 7.95 -20.10 15.82
N ALA A 185 7.08 -20.23 14.81
CA ALA A 185 7.07 -21.41 13.95
C ALA A 185 8.48 -21.77 13.47
N ASP A 186 9.05 -20.97 12.57
CA ASP A 186 10.37 -21.29 11.97
C ASP A 186 11.51 -21.28 12.99
N TYR A 187 11.40 -20.46 14.04
CA TYR A 187 12.45 -20.35 15.03
C TYR A 187 12.65 -21.68 15.73
N GLU A 188 11.55 -22.21 16.27
CA GLU A 188 11.56 -23.51 16.97
C GLU A 188 11.78 -24.74 16.05
N LYS A 189 11.72 -24.57 14.72
CA LYS A 189 12.25 -25.56 13.73
C LYS A 189 13.78 -25.83 13.77
N HIS A 190 14.59 -24.86 14.21
CA HIS A 190 16.06 -24.97 14.11
C HIS A 190 16.76 -24.85 15.47
N LYS A 191 18.03 -25.25 15.52
CA LYS A 191 18.76 -25.36 16.77
C LYS A 191 19.79 -24.26 16.96
N VAL A 192 20.82 -24.21 16.12
CA VAL A 192 21.98 -23.33 16.41
C VAL A 192 21.82 -22.01 15.63
N TYR A 193 21.93 -20.90 16.36
CA TYR A 193 21.80 -19.54 15.80
C TYR A 193 23.11 -18.76 15.97
N ALA A 194 23.75 -18.43 14.85
CA ALA A 194 25.10 -17.84 14.90
C ALA A 194 25.16 -16.50 14.21
N CYS A 195 26.04 -15.67 14.73
CA CYS A 195 26.34 -14.38 14.20
C CYS A 195 27.80 -14.42 13.77
N GLU A 196 28.11 -14.28 12.48
CA GLU A 196 29.53 -14.22 12.03
C GLU A 196 29.93 -12.79 11.60
N VAL A 197 31.08 -12.33 12.08
CA VAL A 197 31.53 -10.94 11.89
C VAL A 197 32.94 -10.81 11.25
N THR A 198 32.97 -10.36 10.00
CA THR A 198 34.17 -9.92 9.29
C THR A 198 34.41 -8.38 9.43
N HIS A 199 35.53 -8.01 10.02
CA HIS A 199 35.96 -6.62 10.10
C HIS A 199 37.47 -6.64 10.01
N GLN A 200 38.08 -5.60 9.44
CA GLN A 200 39.52 -5.61 9.19
C GLN A 200 40.44 -5.62 10.46
N GLY A 201 39.87 -5.32 11.64
CA GLY A 201 40.56 -5.39 12.92
C GLY A 201 40.66 -6.76 13.55
N LEU A 202 40.02 -7.75 12.94
CA LEU A 202 40.04 -9.13 13.40
C LEU A 202 40.86 -9.97 12.40
N SER A 203 41.76 -10.80 12.91
CA SER A 203 42.61 -11.65 12.04
C SER A 203 41.81 -12.68 11.28
N SER A 204 40.72 -13.18 11.88
CA SER A 204 39.76 -14.05 11.18
C SER A 204 38.36 -13.78 11.72
N PRO A 205 37.32 -14.25 11.02
CA PRO A 205 35.97 -13.83 11.42
C PRO A 205 35.56 -14.37 12.81
N VAL A 206 34.75 -13.60 13.54
CA VAL A 206 34.31 -13.98 14.91
C VAL A 206 32.85 -14.42 14.87
N THR A 207 32.61 -15.61 15.42
CA THR A 207 31.28 -16.18 15.51
C THR A 207 30.83 -16.23 16.99
N LYS A 208 29.67 -15.64 17.28
CA LYS A 208 28.92 -15.91 18.50
C LYS A 208 27.72 -16.72 18.13
N SER A 209 27.42 -17.73 18.93
CA SER A 209 26.20 -18.48 18.78
C SER A 209 25.65 -18.96 20.11
N PHE A 210 24.40 -19.40 20.06
CA PHE A 210 23.78 -20.20 21.08
C PHE A 210 23.02 -21.35 20.40
N ASN A 211 22.65 -22.34 21.22
CA ASN A 211 21.65 -23.37 20.94
C ASN A 211 20.43 -23.12 21.85
N ARG A 212 19.22 -23.20 21.31
CA ARG A 212 17.99 -23.17 22.12
C ARG A 212 18.08 -24.16 23.30
N GLY A 213 18.31 -23.61 24.51
CA GLY A 213 18.78 -24.40 25.69
C GLY A 213 20.28 -24.72 25.62
N ASP B 1 17.28 38.76 8.42
CA ASP B 1 17.84 37.89 7.36
C ASP B 1 16.75 37.06 6.65
N VAL B 2 17.14 36.36 5.58
CA VAL B 2 16.24 35.48 4.85
C VAL B 2 15.83 34.31 5.73
N GLN B 3 14.52 34.05 5.82
CA GLN B 3 13.98 32.91 6.57
C GLN B 3 13.04 32.13 5.67
N LEU B 4 13.18 30.81 5.73
CA LEU B 4 12.25 29.91 5.05
C LEU B 4 11.77 28.86 6.06
N VAL B 5 10.47 28.85 6.31
CA VAL B 5 9.90 28.10 7.42
C VAL B 5 8.76 27.29 6.87
N GLU B 6 8.92 25.97 6.83
CA GLU B 6 7.87 25.05 6.35
C GLU B 6 6.97 24.63 7.50
N SER B 7 5.75 24.23 7.12
CA SER B 7 4.70 23.77 8.06
C SER B 7 3.74 22.79 7.35
N GLY B 8 2.77 22.28 8.10
CA GLY B 8 1.69 21.46 7.56
C GLY B 8 1.95 19.96 7.43
N GLY B 9 3.12 19.52 7.90
CA GLY B 9 3.53 18.11 7.82
C GLY B 9 3.02 17.30 8.99
N GLY B 10 3.32 16.01 8.96
CA GLY B 10 2.87 15.09 10.00
C GLY B 10 2.69 13.70 9.42
N VAL B 11 1.77 12.95 10.03
CA VAL B 11 1.40 11.61 9.58
C VAL B 11 0.16 11.67 8.67
N VAL B 12 0.25 11.03 7.51
CA VAL B 12 -0.89 10.87 6.61
C VAL B 12 -1.02 9.45 6.12
N ARG B 13 -2.23 9.14 5.70
CA ARG B 13 -2.59 7.80 5.28
C ARG B 13 -2.35 7.69 3.77
N PRO B 14 -1.93 6.50 3.26
CA PRO B 14 -1.81 6.41 1.81
C PRO B 14 -3.14 6.72 1.13
N GLY B 15 -3.09 7.51 0.06
CA GLY B 15 -4.30 8.02 -0.58
C GLY B 15 -4.85 9.34 -0.03
N GLU B 16 -4.45 9.73 1.20
CA GLU B 16 -4.75 11.08 1.70
C GLU B 16 -4.03 12.15 0.85
N SER B 17 -4.50 13.39 1.01
CA SER B 17 -3.85 14.56 0.48
C SER B 17 -3.27 15.39 1.61
N LEU B 18 -2.29 16.22 1.28
CA LEU B 18 -1.58 17.02 2.26
C LEU B 18 -0.98 18.27 1.58
N ARG B 19 -1.15 19.43 2.22
CA ARG B 19 -0.58 20.69 1.74
C ARG B 19 0.57 21.11 2.65
N LEU B 20 1.77 21.14 2.10
CA LEU B 20 2.89 21.80 2.77
C LEU B 20 2.76 23.26 2.46
N SER B 21 3.15 24.11 3.40
CA SER B 21 3.33 25.53 3.14
C SER B 21 4.73 25.96 3.60
N CYS B 22 5.38 26.84 2.82
CA CYS B 22 6.64 27.48 3.23
C CYS B 22 6.44 29.00 3.33
N ALA B 23 6.56 29.52 4.57
CA ALA B 23 6.44 30.95 4.84
C ALA B 23 7.80 31.61 4.70
N ALA B 24 7.85 32.63 3.85
CA ALA B 24 9.09 33.26 3.41
C ALA B 24 9.18 34.72 3.89
N SER B 25 10.34 35.12 4.40
CA SER B 25 10.57 36.50 4.86
C SER B 25 12.05 36.88 4.83
N GLY B 26 12.35 38.17 4.90
CA GLY B 26 13.71 38.69 4.80
C GLY B 26 14.17 39.03 3.40
N PHE B 27 13.24 38.99 2.43
CA PHE B 27 13.56 39.23 1.00
C PHE B 27 12.30 39.46 0.19
N SER B 28 12.45 39.70 -1.11
CA SER B 28 11.31 39.97 -1.99
C SER B 28 10.82 38.68 -2.65
N PHE B 29 9.93 37.97 -1.96
CA PHE B 29 9.46 36.66 -2.40
C PHE B 29 9.03 36.60 -3.87
N SER B 30 8.35 37.63 -4.36
CA SER B 30 7.84 37.62 -5.75
C SER B 30 8.92 37.66 -6.87
N SER B 31 10.17 37.99 -6.53
CA SER B 31 11.24 38.17 -7.50
C SER B 31 12.10 36.91 -7.75
N TYR B 32 11.78 35.80 -7.08
CA TYR B 32 12.58 34.58 -7.18
C TYR B 32 11.77 33.33 -7.53
N ALA B 33 12.42 32.40 -8.23
CA ALA B 33 11.85 31.08 -8.45
C ALA B 33 12.09 30.26 -7.19
N MET B 34 11.08 29.47 -6.82
CA MET B 34 11.12 28.70 -5.59
C MET B 34 10.98 27.20 -5.95
N ASN B 35 11.61 26.33 -5.15
CA ASN B 35 11.57 24.90 -5.35
C ASN B 35 11.22 24.16 -4.08
N TRP B 36 10.72 22.93 -4.25
CA TRP B 36 10.69 21.95 -3.18
C TRP B 36 11.66 20.82 -3.48
N VAL B 37 12.43 20.44 -2.46
CA VAL B 37 13.41 19.38 -2.59
C VAL B 37 13.28 18.45 -1.40
N ARG B 38 13.19 17.15 -1.66
CA ARG B 38 12.91 16.18 -0.60
C ARG B 38 14.09 15.24 -0.36
N GLN B 39 14.05 14.59 0.81
CA GLN B 39 15.05 13.64 1.26
C GLN B 39 14.41 12.51 2.06
N ALA B 40 14.31 11.33 1.46
CA ALA B 40 13.91 10.12 2.17
C ALA B 40 14.95 9.69 3.21
N PRO B 41 14.50 9.04 4.30
CA PRO B 41 15.41 8.48 5.30
C PRO B 41 16.67 7.88 4.68
N GLY B 42 17.83 8.46 4.98
CA GLY B 42 19.10 7.96 4.49
C GLY B 42 19.40 7.98 2.98
N GLU B 43 18.68 8.79 2.20
CA GLU B 43 18.94 8.90 0.75
C GLU B 43 19.61 10.22 0.34
N GLY B 44 19.96 10.32 -0.93
CA GLY B 44 20.25 11.62 -1.53
C GLY B 44 19.04 12.57 -1.61
N LEU B 45 19.34 13.84 -1.77
CA LEU B 45 18.34 14.88 -1.99
C LEU B 45 17.71 14.68 -3.38
N GLU B 46 16.40 14.85 -3.46
CA GLU B 46 15.65 14.59 -4.69
C GLU B 46 14.79 15.81 -4.95
N TRP B 47 15.04 16.48 -6.07
CA TRP B 47 14.23 17.60 -6.51
C TRP B 47 12.84 17.13 -6.92
N VAL B 48 11.85 17.85 -6.41
CA VAL B 48 10.44 17.52 -6.48
C VAL B 48 9.74 18.45 -7.46
N SER B 49 9.85 19.77 -7.25
CA SER B 49 9.30 20.74 -8.20
C SER B 49 9.88 22.14 -8.10
N ARG B 50 9.55 22.95 -9.10
CA ARG B 50 9.96 24.34 -9.18
C ARG B 50 8.80 25.18 -9.63
N ILE B 51 8.86 26.46 -9.29
CA ILE B 51 7.86 27.42 -9.70
C ILE B 51 8.47 28.77 -10.07
N ASN B 52 7.92 29.38 -11.12
CA ASN B 52 8.16 30.78 -11.51
C ASN B 52 8.03 31.81 -10.42
N SER B 53 8.63 32.97 -10.67
CA SER B 53 8.31 34.20 -9.96
C SER B 53 6.81 34.59 -10.02
N GLY B 54 6.25 34.63 -11.22
CA GLY B 54 4.85 34.98 -11.41
C GLY B 54 3.82 33.96 -10.94
N GLY B 55 4.24 32.70 -10.85
CA GLY B 55 3.38 31.60 -10.41
C GLY B 55 2.82 30.68 -11.50
N GLY B 56 2.91 31.11 -12.76
CA GLY B 56 2.35 30.37 -13.92
C GLY B 56 3.22 29.32 -14.59
N GLY B 57 4.42 29.09 -14.08
CA GLY B 57 5.37 28.20 -14.74
C GLY B 57 5.90 27.22 -13.73
N THR B 58 5.69 25.93 -14.01
CA THR B 58 5.82 24.86 -13.01
C THR B 58 6.50 23.65 -13.65
N ASP B 59 7.59 23.14 -13.05
CA ASP B 59 8.18 21.85 -13.42
C ASP B 59 8.09 20.87 -12.26
N TYR B 60 8.11 19.58 -12.58
CA TYR B 60 7.90 18.50 -11.59
C TYR B 60 8.72 17.27 -11.96
N ALA B 61 9.44 16.70 -11.01
CA ALA B 61 10.10 15.42 -11.25
C ALA B 61 9.05 14.37 -11.63
N GLU B 62 9.43 13.45 -12.51
CA GLU B 62 8.47 12.49 -13.04
C GLU B 62 7.89 11.53 -11.98
N SER B 63 8.63 11.32 -10.88
CA SER B 63 8.17 10.51 -9.78
C SER B 63 6.98 11.10 -9.01
N VAL B 64 6.75 12.42 -9.14
CA VAL B 64 5.58 13.09 -8.55
C VAL B 64 4.58 13.68 -9.59
N LYS B 65 4.76 13.40 -10.86
CA LYS B 65 3.93 14.02 -11.89
C LYS B 65 2.48 13.48 -11.85
N GLY B 66 1.52 14.39 -11.98
CA GLY B 66 0.09 14.05 -11.91
C GLY B 66 -0.46 14.13 -10.50
N ARG B 67 0.43 14.02 -9.51
CA ARG B 67 0.06 13.90 -8.11
C ARG B 67 0.39 15.11 -7.26
N PHE B 68 1.36 15.92 -7.67
CA PHE B 68 1.86 17.07 -6.88
C PHE B 68 1.55 18.36 -7.66
N THR B 69 1.11 19.40 -6.94
CA THR B 69 0.91 20.71 -7.52
C THR B 69 1.70 21.76 -6.72
N ILE B 70 2.56 22.49 -7.40
CA ILE B 70 3.23 23.62 -6.78
C ILE B 70 2.44 24.86 -7.18
N SER B 71 2.38 25.81 -6.27
CA SER B 71 1.72 27.09 -6.46
C SER B 71 2.24 28.08 -5.41
N ARG B 72 1.92 29.36 -5.58
CA ARG B 72 2.41 30.42 -4.70
C ARG B 72 1.46 31.60 -4.58
N ASP B 73 1.70 32.42 -3.55
CA ASP B 73 0.91 33.61 -3.23
C ASP B 73 1.89 34.79 -2.98
N ASN B 74 2.10 35.60 -4.00
CA ASN B 74 3.03 36.72 -3.91
C ASN B 74 2.59 37.77 -2.87
N SER B 75 1.28 38.03 -2.79
CA SER B 75 0.67 38.89 -1.76
C SER B 75 1.12 38.53 -0.35
N GLU B 76 1.04 37.25 -0.01
CA GLU B 76 1.32 36.76 1.36
C GLU B 76 2.74 36.17 1.57
N ASN B 77 3.60 36.15 0.54
CA ASN B 77 4.97 35.58 0.64
C ASN B 77 5.02 34.09 1.07
N THR B 78 4.25 33.23 0.37
CA THR B 78 4.05 31.82 0.79
C THR B 78 4.14 30.86 -0.39
N LEU B 79 4.89 29.76 -0.22
CA LEU B 79 4.96 28.71 -1.25
C LEU B 79 4.06 27.56 -0.82
N TYR B 80 3.48 26.84 -1.77
CA TYR B 80 2.65 25.67 -1.45
C TYR B 80 3.11 24.47 -2.22
N LEU B 81 2.93 23.30 -1.61
CA LEU B 81 2.95 22.05 -2.34
C LEU B 81 1.74 21.23 -1.92
N GLN B 82 0.78 21.16 -2.84
CA GLN B 82 -0.33 20.20 -2.76
C GLN B 82 0.22 18.83 -3.14
N MET B 83 -0.14 17.80 -2.37
CA MET B 83 0.31 16.43 -2.67
C MET B 83 -0.85 15.46 -2.58
N ASN B 84 -1.38 15.05 -3.73
CA ASN B 84 -2.50 14.14 -3.79
C ASN B 84 -2.03 12.70 -4.04
N SER B 85 -2.92 11.75 -3.77
CA SER B 85 -2.70 10.32 -4.04
C SER B 85 -1.36 9.81 -3.47
N LEU B 86 -1.13 10.16 -2.20
CA LEU B 86 0.18 9.91 -1.59
C LEU B 86 0.37 8.44 -1.44
N ARG B 87 1.63 8.00 -1.45
CA ARG B 87 1.97 6.61 -1.12
C ARG B 87 3.21 6.56 -0.24
N ALA B 88 3.58 5.35 0.19
CA ALA B 88 4.60 5.17 1.19
C ALA B 88 5.97 5.70 0.79
N GLU B 89 6.32 5.63 -0.48
CA GLU B 89 7.62 6.16 -0.96
C GLU B 89 7.69 7.69 -1.04
N ASP B 90 6.60 8.41 -0.71
CA ASP B 90 6.66 9.88 -0.54
C ASP B 90 7.04 10.31 0.88
N THR B 91 7.45 9.36 1.72
CA THR B 91 7.91 9.65 3.07
C THR B 91 9.28 10.30 3.00
N ALA B 92 9.39 11.51 3.55
CA ALA B 92 10.67 12.26 3.54
C ALA B 92 10.59 13.56 4.32
N VAL B 93 11.74 14.21 4.45
CA VAL B 93 11.74 15.60 4.82
C VAL B 93 11.69 16.44 3.52
N TYR B 94 10.65 17.28 3.41
CA TYR B 94 10.48 18.17 2.29
C TYR B 94 11.00 19.54 2.66
N TYR B 95 11.99 20.01 1.90
CA TYR B 95 12.50 21.38 2.07
C TYR B 95 12.00 22.34 0.98
N CYS B 96 11.61 23.58 1.33
CA CYS B 96 11.51 24.64 0.32
C CYS B 96 12.91 25.22 0.12
N ALA B 97 13.16 25.72 -1.08
CA ALA B 97 14.47 26.30 -1.42
C ALA B 97 14.38 27.50 -2.37
N LYS B 98 15.17 28.53 -2.10
CA LYS B 98 15.19 29.74 -2.95
C LYS B 98 16.30 29.61 -3.95
N GLN B 99 16.06 29.97 -5.21
CA GLN B 99 17.18 30.20 -6.17
C GLN B 99 17.79 31.63 -6.17
N TYR B 100 19.12 31.70 -6.32
CA TYR B 100 19.90 32.97 -6.47
C TYR B 100 19.39 33.79 -7.63
N ASP B 101 19.18 33.05 -8.72
CA ASP B 101 18.71 33.54 -10.01
C ASP B 101 17.73 32.48 -10.52
N TRP B 102 16.99 32.84 -11.56
CA TRP B 102 16.02 31.94 -12.20
C TRP B 102 16.60 30.60 -12.73
N ASN B 103 17.87 30.60 -13.13
CA ASN B 103 18.54 29.41 -13.64
C ASN B 103 19.78 29.05 -12.85
N SER B 104 19.80 29.40 -11.55
CA SER B 104 20.98 29.21 -10.69
C SER B 104 20.77 28.24 -9.55
N PHE B 105 21.85 28.02 -8.82
CA PHE B 105 21.91 27.28 -7.58
C PHE B 105 20.96 27.77 -6.50
N PHE B 106 20.80 26.92 -5.50
CA PHE B 106 19.96 27.19 -4.39
C PHE B 106 20.70 28.09 -3.37
N ASP B 107 20.09 29.23 -3.12
CA ASP B 107 20.58 30.29 -2.24
C ASP B 107 20.39 29.91 -0.74
N TYR B 108 19.20 29.44 -0.40
CA TYR B 108 18.74 29.26 0.98
C TYR B 108 17.86 28.06 1.03
N TRP B 109 17.92 27.35 2.13
CA TRP B 109 17.03 26.24 2.36
C TRP B 109 16.12 26.51 3.57
N GLY B 110 14.96 25.87 3.57
CA GLY B 110 14.10 25.86 4.75
C GLY B 110 14.57 24.92 5.84
N LEU B 111 13.84 24.91 6.94
CA LEU B 111 14.16 24.03 8.08
C LEU B 111 13.80 22.60 7.72
N GLY B 112 12.68 22.45 7.02
CA GLY B 112 12.26 21.19 6.42
C GLY B 112 11.12 20.59 7.25
N ALA B 113 10.08 20.11 6.58
CA ALA B 113 8.92 19.51 7.22
C ALA B 113 8.84 18.00 6.93
N LEU B 114 8.84 17.17 7.99
CA LEU B 114 8.75 15.69 7.84
C LEU B 114 7.33 15.27 7.48
N VAL B 115 7.19 14.34 6.54
CA VAL B 115 5.89 13.86 6.10
C VAL B 115 5.92 12.35 6.09
N THR B 116 5.26 11.72 7.06
CA THR B 116 5.25 10.29 7.15
C THR B 116 3.93 9.85 6.55
N VAL B 117 3.99 8.89 5.64
CA VAL B 117 2.82 8.28 5.03
C VAL B 117 2.77 6.85 5.51
N SER B 118 1.71 6.49 6.23
CA SER B 118 1.57 5.13 6.80
C SER B 118 0.10 4.88 7.12
N SER B 119 -0.35 3.65 6.90
CA SER B 119 -1.70 3.22 7.32
C SER B 119 -1.80 2.95 8.84
N ALA B 120 -0.65 2.80 9.50
CA ALA B 120 -0.58 2.27 10.85
C ALA B 120 -1.11 3.26 11.87
N SER B 121 -1.72 2.73 12.92
CA SER B 121 -2.30 3.52 13.97
C SER B 121 -1.26 3.82 15.04
N THR B 122 -1.48 4.90 15.80
CA THR B 122 -0.67 5.24 16.98
C THR B 122 -0.58 3.99 17.90
N LYS B 123 0.63 3.53 18.21
CA LYS B 123 0.82 2.35 19.08
C LYS B 123 2.02 2.52 20.01
N GLY B 124 1.85 2.13 21.27
CA GLY B 124 2.94 2.12 22.27
C GLY B 124 3.85 0.91 22.11
N PRO B 125 5.15 1.06 22.47
CA PRO B 125 6.07 -0.06 22.29
C PRO B 125 5.88 -1.19 23.29
N SER B 126 6.06 -2.43 22.81
CA SER B 126 6.43 -3.55 23.67
C SER B 126 7.94 -3.44 23.94
N VAL B 127 8.37 -3.73 25.16
CA VAL B 127 9.79 -3.75 25.54
C VAL B 127 10.23 -5.15 26.00
N PHE B 128 11.35 -5.62 25.45
CA PHE B 128 11.86 -6.97 25.70
C PHE B 128 13.31 -6.92 26.09
N PRO B 129 13.74 -7.78 27.04
CA PRO B 129 15.11 -7.77 27.54
C PRO B 129 16.12 -8.43 26.62
N LEU B 130 17.30 -7.83 26.53
CA LEU B 130 18.46 -8.47 25.92
C LEU B 130 19.34 -8.93 27.09
N ALA B 131 19.14 -10.18 27.50
CA ALA B 131 19.76 -10.75 28.69
C ALA B 131 21.25 -10.88 28.46
N PRO B 132 22.05 -10.52 29.47
CA PRO B 132 23.50 -10.56 29.33
C PRO B 132 24.09 -11.96 29.44
N SER B 133 25.35 -12.05 29.02
CA SER B 133 26.26 -13.17 29.33
C SER B 133 25.50 -14.49 29.24
N SER B 134 25.46 -15.26 30.34
CA SER B 134 24.47 -16.35 30.52
C SER B 134 24.05 -16.45 32.00
N THR B 141 33.76 -7.63 31.60
CA THR B 141 32.92 -6.76 30.78
C THR B 141 31.85 -7.55 30.00
N ALA B 142 30.60 -7.03 30.01
CA ALA B 142 29.36 -7.73 29.54
C ALA B 142 28.43 -6.75 28.89
N ALA B 143 27.45 -7.25 28.15
CA ALA B 143 26.51 -6.41 27.42
C ALA B 143 25.10 -6.91 27.63
N LEU B 144 24.19 -5.92 27.77
CA LEU B 144 22.75 -6.12 27.90
C LEU B 144 22.06 -4.94 27.29
N GLY B 145 20.78 -5.10 27.05
CA GLY B 145 20.02 -4.02 26.46
C GLY B 145 18.55 -4.32 26.48
N CYS B 146 17.75 -3.46 25.90
CA CYS B 146 16.34 -3.78 25.66
C CYS B 146 15.91 -3.54 24.20
N LEU B 147 14.94 -4.33 23.78
CA LEU B 147 14.48 -4.34 22.42
C LEU B 147 13.13 -3.65 22.38
N VAL B 148 13.13 -2.39 21.97
CA VAL B 148 11.90 -1.62 21.91
C VAL B 148 11.23 -1.86 20.55
N LYS B 149 10.11 -2.55 20.55
CA LYS B 149 9.57 -3.11 19.34
C LYS B 149 8.09 -2.76 19.10
N ASP B 150 7.76 -2.58 17.82
CA ASP B 150 6.39 -2.43 17.28
C ASP B 150 5.62 -1.18 17.72
N TYR B 151 6.24 0.00 17.56
CA TYR B 151 5.62 1.31 17.90
C TYR B 151 5.46 2.22 16.69
N PHE B 152 4.58 3.21 16.83
CA PHE B 152 4.31 4.22 15.81
C PHE B 152 3.64 5.46 16.41
N PRO B 153 4.04 6.68 16.00
CA PRO B 153 5.13 7.09 15.13
C PRO B 153 6.40 7.22 15.92
N GLU B 154 7.45 7.66 15.26
CA GLU B 154 8.64 8.08 15.96
C GLU B 154 8.33 9.40 16.68
N PRO B 155 9.18 9.80 17.66
CA PRO B 155 10.27 9.03 18.23
C PRO B 155 9.77 8.34 19.48
N VAL B 156 10.55 7.36 19.91
CA VAL B 156 10.50 6.89 21.27
C VAL B 156 11.72 7.50 21.96
N THR B 157 11.69 7.55 23.28
CA THR B 157 12.91 7.87 24.05
C THR B 157 13.32 6.73 25.01
N VAL B 158 14.62 6.66 25.29
CA VAL B 158 15.18 5.62 26.13
C VAL B 158 16.22 6.22 27.04
N SER B 159 16.13 5.85 28.32
CA SER B 159 17.16 6.10 29.30
C SER B 159 17.32 4.81 30.09
N TRP B 160 18.41 4.74 30.85
CA TRP B 160 18.74 3.59 31.70
C TRP B 160 18.82 3.98 33.17
N ASN B 161 18.03 3.31 34.01
CA ASN B 161 17.98 3.55 35.45
C ASN B 161 17.64 5.02 35.69
N SER B 162 16.56 5.49 35.07
CA SER B 162 16.07 6.89 35.17
C SER B 162 17.10 7.95 34.72
N GLY B 163 17.94 7.63 33.73
CA GLY B 163 19.03 8.52 33.32
C GLY B 163 20.28 8.47 34.19
N ALA B 164 20.24 7.68 35.27
CA ALA B 164 21.39 7.47 36.15
C ALA B 164 22.55 6.70 35.50
N LEU B 165 22.29 5.96 34.43
CA LEU B 165 23.32 5.21 33.68
C LEU B 165 23.42 5.75 32.24
N THR B 166 24.58 6.29 31.89
CA THR B 166 24.80 6.96 30.58
C THR B 166 26.06 6.48 29.82
N SER B 167 27.18 6.43 30.53
CA SER B 167 28.49 5.89 30.07
C SER B 167 28.44 4.52 29.35
N GLY B 168 28.77 4.50 28.05
CA GLY B 168 28.74 3.30 27.22
C GLY B 168 27.34 2.77 26.90
N VAL B 169 26.38 3.67 26.67
CA VAL B 169 25.02 3.33 26.25
C VAL B 169 24.96 3.57 24.76
N HIS B 170 24.37 2.65 24.01
CA HIS B 170 24.03 2.91 22.63
C HIS B 170 22.56 2.66 22.40
N THR B 171 21.87 3.69 21.93
CA THR B 171 20.49 3.59 21.50
C THR B 171 20.52 3.79 19.98
N PHE B 172 20.00 2.80 19.26
CA PHE B 172 20.12 2.72 17.82
C PHE B 172 19.04 3.51 17.07
N PRO B 173 19.37 4.08 15.89
CA PRO B 173 18.30 4.71 15.08
C PRO B 173 17.26 3.68 14.70
N ALA B 174 15.99 4.08 14.68
CA ALA B 174 14.87 3.14 14.53
C ALA B 174 14.75 2.70 13.10
N VAL B 175 14.41 1.43 12.90
CA VAL B 175 14.14 0.88 11.57
C VAL B 175 12.65 0.65 11.35
N LEU B 176 12.20 0.91 10.14
CA LEU B 176 10.81 0.69 9.76
C LEU B 176 10.69 -0.75 9.29
N GLN B 177 9.86 -1.54 9.98
CA GLN B 177 9.63 -2.94 9.63
C GLN B 177 8.56 -3.02 8.56
N SER B 178 8.48 -4.13 7.84
CA SER B 178 7.50 -4.26 6.74
C SER B 178 6.01 -4.29 7.20
N SER B 179 5.79 -4.47 8.51
CA SER B 179 4.47 -4.30 9.09
C SER B 179 3.97 -2.83 9.15
N GLY B 180 4.86 -1.85 8.90
CA GLY B 180 4.52 -0.43 9.01
C GLY B 180 4.89 0.18 10.35
N LEU B 181 5.47 -0.63 11.25
CA LEU B 181 5.82 -0.28 12.64
C LEU B 181 7.34 -0.23 12.84
N TYR B 182 7.78 0.64 13.75
CA TYR B 182 9.22 0.88 14.01
C TYR B 182 9.76 0.01 15.14
N SER B 183 11.05 -0.29 15.10
CA SER B 183 11.78 -0.91 16.22
C SER B 183 13.24 -0.44 16.35
N LEU B 184 13.71 -0.46 17.59
CA LEU B 184 15.10 -0.20 17.88
C LEU B 184 15.52 -1.01 19.08
N SER B 185 16.80 -0.98 19.38
CA SER B 185 17.34 -1.58 20.57
C SER B 185 18.24 -0.54 21.20
N SER B 186 18.36 -0.64 22.51
CA SER B 186 19.28 0.17 23.27
C SER B 186 20.09 -0.84 24.04
N VAL B 187 21.41 -0.68 24.02
CA VAL B 187 22.34 -1.58 24.71
C VAL B 187 23.31 -0.80 25.51
N VAL B 188 23.97 -1.49 26.43
CA VAL B 188 24.86 -0.84 27.38
C VAL B 188 25.91 -1.87 27.83
N THR B 189 27.15 -1.44 28.03
CA THR B 189 28.22 -2.35 28.46
C THR B 189 28.53 -2.01 29.89
N VAL B 190 28.72 -3.04 30.71
CA VAL B 190 28.96 -2.87 32.15
C VAL B 190 29.86 -3.98 32.71
N PRO B 191 30.44 -3.79 33.91
CA PRO B 191 31.31 -4.85 34.43
C PRO B 191 30.55 -6.15 34.70
N SER B 192 31.11 -7.28 34.28
CA SER B 192 30.51 -8.59 34.57
C SER B 192 30.33 -8.86 36.06
N SER B 193 31.21 -8.28 36.87
CA SER B 193 31.09 -8.32 38.33
C SER B 193 29.77 -7.74 38.85
N SER B 194 29.29 -6.69 38.20
CA SER B 194 28.04 -6.03 38.61
C SER B 194 26.73 -6.79 38.36
N LEU B 195 26.75 -7.89 37.60
CA LEU B 195 25.51 -8.52 37.12
C LEU B 195 24.79 -9.30 38.20
N GLY B 196 23.49 -9.04 38.33
CA GLY B 196 22.66 -9.62 39.38
C GLY B 196 22.87 -8.99 40.74
N THR B 197 23.78 -8.01 40.83
CA THR B 197 24.00 -7.25 42.04
C THR B 197 23.33 -5.90 41.84
N GLN B 198 23.69 -5.23 40.74
CA GLN B 198 23.08 -3.98 40.33
C GLN B 198 21.77 -4.09 39.57
N THR B 199 21.09 -2.96 39.56
CA THR B 199 19.83 -2.75 38.89
C THR B 199 20.11 -2.22 37.49
N TYR B 200 19.63 -2.96 36.49
CA TYR B 200 19.63 -2.47 35.12
C TYR B 200 18.21 -2.45 34.59
N ILE B 201 17.61 -1.27 34.60
CA ILE B 201 16.29 -1.02 34.04
C ILE B 201 16.44 -0.02 32.92
N CYS B 202 15.72 -0.22 31.81
CA CYS B 202 15.60 0.81 30.78
C CYS B 202 14.19 1.33 30.82
N ASN B 203 14.10 2.66 30.78
CA ASN B 203 12.83 3.35 30.86
C ASN B 203 12.55 3.75 29.42
N VAL B 204 11.34 3.47 28.96
CA VAL B 204 10.99 3.69 27.56
C VAL B 204 9.72 4.52 27.49
N ASN B 205 9.90 5.79 27.14
CA ASN B 205 8.81 6.74 27.11
C ASN B 205 8.47 6.99 25.64
N HIS B 206 7.19 6.91 25.32
CA HIS B 206 6.67 7.14 23.97
C HIS B 206 5.52 8.16 24.04
N LYS B 207 5.85 9.46 23.92
CA LYS B 207 4.90 10.58 24.09
C LYS B 207 3.66 10.53 23.19
N PRO B 208 3.82 10.27 21.88
CA PRO B 208 2.67 9.99 21.03
C PRO B 208 1.61 8.98 21.52
N SER B 209 1.95 8.06 22.43
CA SER B 209 0.94 7.13 23.00
C SER B 209 0.70 7.32 24.53
N ASN B 210 1.29 8.36 25.11
CA ASN B 210 1.32 8.57 26.57
C ASN B 210 1.71 7.29 27.33
N THR B 211 2.82 6.68 26.93
CA THR B 211 3.27 5.37 27.46
C THR B 211 4.63 5.52 28.13
N LYS B 212 4.76 4.97 29.33
CA LYS B 212 6.05 4.75 29.98
C LYS B 212 6.10 3.28 30.34
N VAL B 213 7.09 2.54 29.81
CA VAL B 213 7.36 1.17 30.28
C VAL B 213 8.75 1.17 30.86
N ASP B 214 8.92 0.52 32.01
CA ASP B 214 10.22 0.32 32.63
C ASP B 214 10.44 -1.18 32.80
N LYS B 215 11.53 -1.70 32.24
CA LYS B 215 11.82 -3.12 32.30
C LYS B 215 13.18 -3.45 32.92
N LYS B 216 13.16 -4.37 33.88
CA LYS B 216 14.35 -4.82 34.58
C LYS B 216 14.98 -5.98 33.77
N VAL B 217 16.23 -5.79 33.33
CA VAL B 217 16.92 -6.78 32.48
C VAL B 217 17.99 -7.48 33.34
N GLU B 218 17.81 -8.79 33.46
CA GLU B 218 18.57 -9.61 34.35
C GLU B 218 19.07 -10.81 33.56
N PRO B 219 20.14 -11.47 34.06
CA PRO B 219 20.62 -12.70 33.43
C PRO B 219 19.54 -13.78 33.40
N LYS B 220 19.60 -14.64 32.38
CA LYS B 220 18.70 -15.80 32.27
C LYS B 220 19.15 -16.92 33.23
N SER B 221 18.21 -17.81 33.57
CA SER B 221 18.53 -18.98 34.40
C SER B 221 18.15 -20.27 33.66
N GLU C 3 1.56 57.46 -27.95
CA GLU C 3 1.77 56.54 -26.78
C GLU C 3 3.21 56.10 -26.62
N LEU C 4 3.50 55.50 -25.45
CA LEU C 4 4.79 54.93 -25.16
C LEU C 4 5.01 53.64 -25.96
N GLN C 5 6.16 53.60 -26.64
CA GLN C 5 6.63 52.42 -27.36
C GLN C 5 7.94 51.95 -26.70
N VAL C 6 8.15 50.62 -26.68
CA VAL C 6 9.34 50.04 -26.06
C VAL C 6 10.15 49.42 -27.18
N ILE C 7 11.33 49.99 -27.44
CA ILE C 7 12.18 49.51 -28.52
C ILE C 7 13.39 48.76 -27.95
N GLN C 8 13.64 47.56 -28.46
CA GLN C 8 14.90 46.85 -28.25
C GLN C 8 15.51 46.74 -29.66
N PRO C 9 16.59 47.49 -29.96
CA PRO C 9 17.10 47.54 -31.34
C PRO C 9 17.69 46.23 -31.91
N ASP C 10 18.15 45.34 -31.06
CA ASP C 10 18.81 44.10 -31.50
C ASP C 10 17.80 42.97 -31.61
N LYS C 11 17.91 42.16 -32.67
CA LYS C 11 17.07 40.97 -32.83
C LYS C 11 17.80 39.77 -32.28
N SER C 12 19.03 39.57 -32.73
CA SER C 12 19.91 38.51 -32.25
C SER C 12 21.06 39.14 -31.47
N VAL C 13 21.52 38.47 -30.42
CA VAL C 13 22.80 38.80 -29.77
C VAL C 13 23.53 37.50 -29.57
N LEU C 14 24.74 37.38 -30.12
CA LEU C 14 25.56 36.18 -29.98
C LEU C 14 26.77 36.51 -29.14
N VAL C 15 26.97 35.73 -28.09
CA VAL C 15 27.99 35.99 -27.09
C VAL C 15 28.73 34.69 -26.81
N ALA C 16 29.96 34.80 -26.33
CA ALA C 16 30.76 33.64 -25.98
C ALA C 16 30.50 33.23 -24.53
N ALA C 17 30.56 31.93 -24.27
CA ALA C 17 30.35 31.43 -22.92
C ALA C 17 31.34 32.13 -21.99
N GLY C 18 30.84 32.77 -20.93
CA GLY C 18 31.64 33.53 -19.97
C GLY C 18 31.62 35.05 -20.16
N GLU C 19 31.36 35.53 -21.38
CA GLU C 19 31.27 36.96 -21.64
C GLU C 19 30.01 37.51 -20.99
N THR C 20 29.97 38.83 -20.82
CA THR C 20 28.80 39.59 -20.39
C THR C 20 28.06 40.05 -21.66
N ALA C 21 26.73 40.03 -21.66
CA ALA C 21 25.93 40.48 -22.80
C ALA C 21 25.17 41.74 -22.40
N THR C 22 25.09 42.67 -23.34
CA THR C 22 24.34 43.90 -23.17
C THR C 22 23.05 43.76 -23.96
N LEU C 23 21.92 43.82 -23.26
CA LEU C 23 20.61 43.74 -23.89
C LEU C 23 19.99 45.13 -23.88
N ARG C 24 19.78 45.71 -25.04
CA ARG C 24 19.47 47.13 -25.15
C ARG C 24 17.97 47.35 -25.33
N CYS C 25 17.45 48.33 -24.59
CA CYS C 25 16.03 48.68 -24.56
C CYS C 25 15.85 50.19 -24.32
N THR C 26 14.93 50.80 -25.07
CA THR C 26 14.57 52.22 -24.94
C THR C 26 13.05 52.41 -24.87
N ALA C 27 12.61 53.25 -23.94
CA ALA C 27 11.26 53.84 -23.93
C ALA C 27 11.29 55.16 -24.71
N THR C 28 10.15 55.51 -25.32
CA THR C 28 9.96 56.79 -26.00
C THR C 28 9.25 57.88 -25.16
N SER C 29 8.47 57.48 -24.16
CA SER C 29 7.79 58.41 -23.24
C SER C 29 8.12 58.07 -21.78
N LEU C 30 7.56 58.84 -20.85
CA LEU C 30 7.64 58.58 -19.41
C LEU C 30 6.26 58.33 -18.77
N ILE C 31 5.20 58.77 -19.44
CA ILE C 31 3.83 58.43 -19.04
C ILE C 31 3.43 57.16 -19.84
N PRO C 32 2.69 56.22 -19.20
CA PRO C 32 2.29 56.19 -17.80
C PRO C 32 3.47 55.80 -16.95
N VAL C 33 3.40 56.18 -15.68
CA VAL C 33 4.46 55.84 -14.74
C VAL C 33 4.34 54.36 -14.36
N GLY C 34 5.47 53.78 -13.97
CA GLY C 34 5.54 52.36 -13.61
C GLY C 34 6.92 51.76 -13.85
N PRO C 35 7.17 50.57 -13.26
CA PRO C 35 8.47 49.95 -13.33
C PRO C 35 8.68 49.17 -14.61
N ILE C 36 9.88 49.24 -15.16
CA ILE C 36 10.30 48.35 -16.24
C ILE C 36 10.64 46.99 -15.59
N GLN C 37 10.44 45.91 -16.34
CA GLN C 37 10.92 44.58 -15.94
C GLN C 37 11.40 43.83 -17.20
N TRP C 38 12.39 42.94 -17.01
CA TRP C 38 12.93 42.05 -18.06
C TRP C 38 12.57 40.62 -17.74
N PHE C 39 12.12 39.89 -18.77
CA PHE C 39 11.77 38.47 -18.69
C PHE C 39 12.44 37.69 -19.81
N ARG C 40 12.77 36.45 -19.55
CA ARG C 40 13.21 35.57 -20.62
C ARG C 40 12.04 34.63 -20.92
N GLY C 41 11.59 34.65 -22.18
CA GLY C 41 10.32 34.04 -22.57
C GLY C 41 9.14 34.99 -22.41
N ALA C 42 8.03 34.63 -23.06
CA ALA C 42 6.87 35.52 -23.27
C ALA C 42 5.59 35.15 -22.51
N GLY C 43 5.33 33.87 -22.28
CA GLY C 43 4.02 33.49 -21.73
C GLY C 43 3.88 33.68 -20.22
N PRO C 44 2.92 32.96 -19.60
CA PRO C 44 2.91 32.80 -18.13
C PRO C 44 4.07 31.88 -17.58
N GLY C 45 4.76 31.16 -18.46
CA GLY C 45 6.00 30.47 -18.11
C GLY C 45 7.28 31.31 -18.13
N ARG C 46 7.15 32.62 -18.35
CA ARG C 46 8.31 33.51 -18.36
C ARG C 46 9.03 33.59 -17.01
N GLU C 47 10.31 33.99 -17.08
CA GLU C 47 11.19 33.99 -15.93
C GLU C 47 11.66 35.39 -15.69
N LEU C 48 11.52 35.87 -14.46
CA LEU C 48 11.99 37.21 -14.12
C LEU C 48 13.51 37.28 -14.18
N ILE C 49 14.02 38.24 -14.95
CA ILE C 49 15.44 38.52 -15.09
C ILE C 49 15.82 39.79 -14.32
N TYR C 50 15.00 40.84 -14.39
CA TYR C 50 15.21 42.05 -13.60
C TYR C 50 13.90 42.81 -13.36
N ASN C 51 13.86 43.57 -12.27
CA ASN C 51 12.69 44.36 -11.88
C ASN C 51 13.21 45.63 -11.21
N GLN C 52 13.01 46.78 -11.83
CA GLN C 52 13.43 48.09 -11.25
C GLN C 52 13.00 48.37 -9.78
N LYS C 53 11.82 47.89 -9.42
CA LYS C 53 11.14 48.27 -8.19
C LYS C 53 11.62 47.52 -6.95
N GLU C 54 12.13 46.31 -7.14
CA GLU C 54 12.15 45.34 -6.07
C GLU C 54 12.88 44.08 -6.47
N GLY C 55 13.73 43.58 -5.57
CA GLY C 55 14.45 42.34 -5.74
C GLY C 55 15.93 42.57 -5.99
N HIS C 56 16.74 41.57 -5.64
CA HIS C 56 18.16 41.57 -5.88
C HIS C 56 18.46 40.53 -6.96
N PHE C 57 19.01 40.99 -8.07
CA PHE C 57 19.31 40.13 -9.20
C PHE C 57 20.81 40.23 -9.39
N PRO C 58 21.56 39.29 -8.80
CA PRO C 58 22.99 39.43 -8.50
C PRO C 58 23.96 39.57 -9.68
N ARG C 59 23.60 39.06 -10.86
CA ARG C 59 24.46 39.29 -12.03
C ARG C 59 23.85 40.16 -13.13
N VAL C 60 22.87 41.01 -12.80
CA VAL C 60 22.38 42.06 -13.70
C VAL C 60 22.83 43.42 -13.16
N THR C 61 23.33 44.27 -14.05
CA THR C 61 23.49 45.70 -13.79
C THR C 61 22.65 46.46 -14.79
N THR C 62 22.12 47.61 -14.38
CA THR C 62 21.50 48.52 -15.35
C THR C 62 22.64 49.31 -16.02
N VAL C 63 22.49 49.66 -17.28
CA VAL C 63 23.50 50.48 -18.01
C VAL C 63 23.49 51.96 -17.54
N SER C 64 22.31 52.59 -17.63
CA SER C 64 22.07 53.90 -17.01
C SER C 64 21.59 53.70 -15.56
N ASP C 65 21.37 54.81 -14.87
CA ASP C 65 20.83 54.81 -13.53
C ASP C 65 19.32 54.99 -13.64
N LEU C 66 18.57 53.99 -13.19
CA LEU C 66 17.11 54.00 -13.31
C LEU C 66 16.40 54.84 -12.24
N THR C 67 17.08 55.12 -11.13
CA THR C 67 16.58 56.02 -10.09
C THR C 67 16.10 57.37 -10.63
N LYS C 68 17.00 58.13 -11.24
CA LYS C 68 16.66 59.50 -11.66
C LYS C 68 15.53 59.60 -12.71
N ARG C 69 14.45 60.30 -12.34
CA ARG C 69 13.36 60.63 -13.27
C ARG C 69 13.89 61.60 -14.33
N ASN C 70 13.51 61.30 -15.57
CA ASN C 70 14.03 61.84 -16.84
C ASN C 70 14.55 60.65 -17.67
N ASN C 71 14.98 59.58 -16.99
CA ASN C 71 15.66 58.45 -17.61
C ASN C 71 14.77 57.64 -18.52
N MET C 72 15.32 57.24 -19.67
CA MET C 72 14.62 56.41 -20.68
C MET C 72 15.45 55.26 -21.28
N ASP C 73 16.61 54.95 -20.69
CA ASP C 73 17.41 53.79 -21.09
C ASP C 73 17.24 52.59 -20.08
N PHE C 74 16.70 51.50 -20.60
CA PHE C 74 16.40 50.35 -19.78
C PHE C 74 17.21 49.10 -20.17
N SER C 75 18.38 49.36 -20.76
CA SER C 75 19.34 48.34 -21.13
C SER C 75 19.92 47.70 -19.92
N ILE C 76 20.34 46.45 -20.09
CA ILE C 76 20.94 45.70 -19.00
C ILE C 76 22.12 44.88 -19.44
N ARG C 77 23.01 44.62 -18.48
CA ARG C 77 24.15 43.75 -18.63
C ARG C 77 23.94 42.54 -17.78
N ILE C 78 24.16 41.36 -18.36
CA ILE C 78 24.05 40.09 -17.64
C ILE C 78 25.40 39.37 -17.71
N GLY C 79 26.05 39.21 -16.56
CA GLY C 79 27.37 38.57 -16.47
C GLY C 79 27.43 37.06 -16.64
N ALA C 80 28.54 36.55 -17.17
CA ALA C 80 28.78 35.10 -17.22
C ALA C 80 27.62 34.36 -17.85
N ILE C 81 27.40 34.62 -19.14
CA ILE C 81 26.38 33.95 -19.91
C ILE C 81 26.87 32.53 -20.26
N THR C 82 25.97 31.55 -20.10
CA THR C 82 26.21 30.14 -20.40
C THR C 82 24.97 29.62 -21.14
N PRO C 83 24.99 28.35 -21.60
CA PRO C 83 23.83 27.85 -22.32
C PRO C 83 22.55 27.98 -21.56
N ALA C 84 22.61 27.85 -20.22
CA ALA C 84 21.41 28.01 -19.37
C ALA C 84 20.68 29.36 -19.55
N ASP C 85 21.44 30.41 -19.87
CA ASP C 85 20.90 31.74 -20.17
C ASP C 85 20.30 31.95 -21.57
N ALA C 86 20.40 30.96 -22.44
CA ALA C 86 19.89 31.12 -23.81
C ALA C 86 18.39 31.40 -23.81
N GLY C 87 17.96 32.19 -24.78
CA GLY C 87 16.55 32.47 -25.00
C GLY C 87 16.30 33.87 -25.50
N THR C 88 15.06 34.31 -25.32
CA THR C 88 14.58 35.54 -25.90
C THR C 88 14.14 36.44 -24.76
N TYR C 89 14.79 37.61 -24.70
CA TYR C 89 14.61 38.55 -23.61
C TYR C 89 13.75 39.74 -24.06
N TYR C 90 12.67 39.98 -23.35
CA TYR C 90 11.71 41.03 -23.64
C TYR C 90 11.87 42.08 -22.58
N CYS C 91 11.76 43.34 -22.96
CA CYS C 91 11.84 44.46 -22.04
C CYS C 91 10.41 44.91 -21.90
N VAL C 92 9.91 45.05 -20.67
CA VAL C 92 8.48 45.16 -20.46
C VAL C 92 8.10 46.28 -19.51
N LYS C 93 7.30 47.20 -20.02
CA LYS C 93 6.75 48.30 -19.25
C LYS C 93 5.50 47.86 -18.49
N PHE C 94 5.47 48.18 -17.18
CA PHE C 94 4.32 47.94 -16.28
C PHE C 94 3.66 49.27 -15.98
N ARG C 95 2.40 49.21 -15.53
CA ARG C 95 1.56 50.39 -15.29
C ARG C 95 1.15 50.48 -13.80
N LYS C 96 0.69 51.67 -13.40
CA LYS C 96 -0.02 51.92 -12.13
C LYS C 96 0.63 51.27 -10.92
N GLY C 97 -0.07 50.38 -10.21
CA GLY C 97 0.39 49.94 -8.89
C GLY C 97 -0.66 49.29 -8.01
N SER C 98 -1.87 49.86 -7.97
CA SER C 98 -2.88 49.50 -6.96
C SER C 98 -4.12 48.82 -7.59
N PRO C 99 -4.46 47.55 -7.17
CA PRO C 99 -3.85 46.65 -6.16
C PRO C 99 -2.53 45.96 -6.56
N ASP C 100 -2.23 45.87 -7.87
CA ASP C 100 -0.91 45.38 -8.36
C ASP C 100 -0.46 45.96 -9.71
N ASP C 101 0.84 45.87 -9.96
CA ASP C 101 1.49 46.30 -11.21
C ASP C 101 0.89 45.52 -12.38
N VAL C 102 0.56 46.19 -13.48
CA VAL C 102 -0.05 45.54 -14.65
C VAL C 102 0.78 45.76 -15.92
N GLU C 103 1.10 44.68 -16.63
CA GLU C 103 1.80 44.77 -17.90
C GLU C 103 1.08 45.77 -18.79
N PHE C 104 1.89 46.54 -19.52
CA PHE C 104 1.39 47.60 -20.39
C PHE C 104 1.91 47.44 -21.83
N LYS C 105 3.22 47.36 -21.99
CA LYS C 105 3.86 47.25 -23.31
C LYS C 105 5.16 46.46 -23.22
N SER C 106 5.49 45.76 -24.29
CA SER C 106 6.66 44.89 -24.35
C SER C 106 7.42 45.16 -25.63
N GLY C 107 8.75 45.04 -25.59
CA GLY C 107 9.59 45.14 -26.79
C GLY C 107 9.46 43.89 -27.66
N ALA C 108 10.04 43.93 -28.85
CA ALA C 108 9.96 42.83 -29.83
C ALA C 108 10.73 41.56 -29.40
N GLY C 109 11.81 41.74 -28.64
CA GLY C 109 12.55 40.63 -28.09
C GLY C 109 13.92 40.55 -28.70
N THR C 110 14.90 40.19 -27.87
CA THR C 110 16.29 40.03 -28.29
C THR C 110 16.68 38.59 -28.04
N GLU C 111 16.95 37.84 -29.11
CA GLU C 111 17.36 36.42 -29.02
C GLU C 111 18.79 36.33 -28.56
N LEU C 112 19.02 35.91 -27.33
CA LEU C 112 20.37 35.70 -26.87
C LEU C 112 20.74 34.25 -27.13
N SER C 113 21.98 34.00 -27.55
CA SER C 113 22.52 32.65 -27.70
C SER C 113 24.02 32.58 -27.39
N VAL C 114 24.58 31.37 -27.44
CA VAL C 114 25.98 31.14 -27.12
C VAL C 114 26.66 30.34 -28.24
N ARG C 115 27.85 30.75 -28.64
CA ARG C 115 28.65 29.96 -29.58
C ARG C 115 29.32 28.79 -28.85
N ALA C 116 29.60 27.70 -29.59
CA ALA C 116 30.38 26.58 -29.06
C ALA C 116 31.79 26.60 -29.65
N GLU D 1 -22.39 -11.75 19.58
CA GLU D 1 -23.27 -11.26 18.48
C GLU D 1 -24.18 -12.36 17.94
N THR D 2 -25.13 -11.95 17.11
CA THR D 2 -26.25 -12.79 16.69
C THR D 2 -25.86 -14.01 15.79
N VAL D 3 -26.59 -15.12 15.93
CA VAL D 3 -26.19 -16.38 15.28
C VAL D 3 -26.57 -16.41 13.80
N LEU D 4 -27.83 -16.13 13.47
CA LEU D 4 -28.33 -16.24 12.07
C LEU D 4 -28.17 -17.66 11.54
N THR D 5 -29.13 -18.50 11.91
CA THR D 5 -29.22 -19.86 11.43
C THR D 5 -30.08 -19.79 10.20
N GLN D 6 -29.50 -20.15 9.06
CA GLN D 6 -30.25 -20.46 7.83
C GLN D 6 -30.56 -21.93 7.81
N SER D 7 -31.73 -22.26 7.26
CA SER D 7 -32.20 -23.64 7.07
C SER D 7 -32.96 -23.77 5.73
N PRO D 8 -32.98 -25.00 5.16
CA PRO D 8 -32.40 -26.24 5.68
C PRO D 8 -30.90 -26.45 5.38
N ALA D 9 -30.31 -25.60 4.55
CA ALA D 9 -28.88 -25.67 4.09
C ALA D 9 -28.80 -26.07 2.64
N THR D 10 -29.57 -27.07 2.26
CA THR D 10 -29.77 -27.42 0.87
C THR D 10 -31.25 -27.75 0.67
N LEU D 11 -31.85 -27.09 -0.31
CA LEU D 11 -33.26 -27.21 -0.58
C LEU D 11 -33.43 -27.59 -2.02
N SER D 12 -34.22 -28.63 -2.26
CA SER D 12 -34.55 -29.08 -3.63
C SER D 12 -35.96 -28.67 -3.98
N VAL D 13 -36.16 -28.23 -5.21
CA VAL D 13 -37.45 -27.72 -5.64
C VAL D 13 -37.67 -28.07 -7.09
N SER D 14 -38.87 -28.58 -7.40
CA SER D 14 -39.23 -28.86 -8.79
C SER D 14 -39.29 -27.60 -9.65
N PRO D 15 -38.99 -27.75 -10.97
CA PRO D 15 -39.11 -26.56 -11.82
C PRO D 15 -40.56 -26.08 -11.84
N GLY D 16 -40.71 -24.77 -11.69
CA GLY D 16 -42.02 -24.15 -11.61
C GLY D 16 -42.59 -23.91 -10.23
N GLU D 17 -42.05 -24.58 -9.20
CA GLU D 17 -42.59 -24.52 -7.83
C GLU D 17 -41.98 -23.42 -6.97
N ARG D 18 -42.65 -23.12 -5.86
CA ARG D 18 -42.24 -22.11 -4.89
C ARG D 18 -41.15 -22.63 -3.95
N ALA D 19 -40.05 -21.90 -3.83
CA ALA D 19 -39.00 -22.26 -2.86
C ALA D 19 -39.15 -21.34 -1.68
N THR D 20 -38.96 -21.87 -0.50
CA THR D 20 -39.14 -21.12 0.71
C THR D 20 -37.92 -21.36 1.58
N LEU D 21 -37.11 -20.31 1.67
CA LEU D 21 -35.91 -20.34 2.46
C LEU D 21 -36.19 -19.57 3.71
N SER D 22 -35.49 -19.91 4.78
CA SER D 22 -35.69 -19.23 6.05
C SER D 22 -34.36 -18.85 6.70
N CYS D 23 -34.44 -17.87 7.57
CA CYS D 23 -33.30 -17.35 8.31
C CYS D 23 -33.83 -16.92 9.64
N ARG D 24 -33.16 -17.33 10.72
CA ARG D 24 -33.64 -17.10 12.08
C ARG D 24 -32.51 -16.50 12.87
N ALA D 25 -32.83 -15.48 13.67
CA ALA D 25 -31.82 -14.85 14.49
C ALA D 25 -32.00 -15.32 15.92
N SER D 26 -30.88 -15.53 16.62
CA SER D 26 -30.90 -15.92 18.03
C SER D 26 -31.61 -14.87 18.94
N GLN D 27 -31.37 -13.58 18.68
CA GLN D 27 -32.15 -12.46 19.25
C GLN D 27 -32.89 -11.65 18.14
N THR D 28 -33.65 -10.62 18.52
CA THR D 28 -34.40 -9.82 17.54
C THR D 28 -33.50 -8.92 16.66
N VAL D 29 -33.71 -8.99 15.34
CA VAL D 29 -33.05 -8.12 14.37
C VAL D 29 -34.06 -7.17 13.71
N GLY D 30 -35.27 -7.06 14.28
CA GLY D 30 -36.29 -6.09 13.83
C GLY D 30 -36.65 -6.35 12.39
N SER D 31 -36.42 -5.35 11.55
CA SER D 31 -36.64 -5.42 10.11
C SER D 31 -35.33 -5.43 9.30
N LYS D 32 -34.21 -5.47 9.98
CA LYS D 32 -32.94 -5.23 9.33
C LYS D 32 -32.25 -6.54 8.94
N LEU D 33 -32.75 -7.14 7.88
CA LEU D 33 -32.31 -8.43 7.39
C LEU D 33 -32.28 -8.31 5.89
N ALA D 34 -31.17 -8.71 5.30
CA ALA D 34 -31.00 -8.64 3.85
C ALA D 34 -30.58 -9.98 3.33
N TRP D 35 -30.97 -10.26 2.08
CA TRP D 35 -30.67 -11.54 1.42
C TRP D 35 -29.86 -11.28 0.16
N HIS D 36 -28.75 -11.99 0.02
CA HIS D 36 -27.90 -11.98 -1.18
C HIS D 36 -27.97 -13.34 -1.95
N GLN D 37 -28.06 -13.27 -3.28
CA GLN D 37 -27.91 -14.42 -4.15
C GLN D 37 -26.50 -14.60 -4.63
N GLN D 38 -25.98 -15.81 -4.59
CA GLN D 38 -24.72 -16.10 -5.28
C GLN D 38 -24.80 -17.31 -6.22
N LYS D 39 -24.89 -17.05 -7.53
CA LYS D 39 -24.78 -18.09 -8.56
C LYS D 39 -23.35 -18.59 -8.63
N PRO D 40 -23.15 -19.85 -9.01
CA PRO D 40 -21.76 -20.41 -8.96
C PRO D 40 -20.75 -19.65 -9.82
N GLY D 41 -19.52 -19.52 -9.32
CA GLY D 41 -18.45 -18.78 -10.00
C GLY D 41 -18.65 -17.28 -10.22
N GLN D 42 -19.68 -16.70 -9.61
CA GLN D 42 -20.04 -15.28 -9.78
C GLN D 42 -20.05 -14.55 -8.48
N ALA D 43 -19.99 -13.23 -8.57
CA ALA D 43 -20.07 -12.41 -7.40
C ALA D 43 -21.53 -12.43 -6.83
N PRO D 44 -21.67 -12.26 -5.49
CA PRO D 44 -23.02 -12.22 -4.95
C PRO D 44 -23.79 -11.00 -5.43
N ARG D 45 -25.09 -10.96 -5.20
CA ARG D 45 -25.91 -9.84 -5.66
C ARG D 45 -27.13 -9.72 -4.74
N LEU D 46 -27.43 -8.49 -4.35
CA LEU D 46 -28.44 -8.21 -3.34
C LEU D 46 -29.83 -8.33 -3.94
N LEU D 47 -30.68 -9.11 -3.28
CA LEU D 47 -32.06 -9.26 -3.68
C LEU D 47 -33.00 -8.46 -2.78
N ILE D 48 -32.91 -8.70 -1.48
CA ILE D 48 -33.81 -8.10 -0.50
C ILE D 48 -33.04 -7.42 0.63
N TYR D 49 -33.55 -6.26 1.02
CA TYR D 49 -33.07 -5.49 2.15
C TYR D 49 -34.27 -5.04 2.97
N ASP D 50 -34.01 -4.63 4.19
CA ASP D 50 -35.08 -4.31 5.13
C ASP D 50 -36.17 -5.39 5.19
N ALA D 51 -35.74 -6.65 5.20
CA ALA D 51 -36.63 -7.81 5.29
C ALA D 51 -37.63 -8.08 4.16
N THR D 52 -38.24 -7.02 3.58
CA THR D 52 -39.35 -7.14 2.59
C THR D 52 -39.16 -6.43 1.25
N ASN D 53 -38.27 -5.43 1.18
CA ASN D 53 -38.11 -4.60 0.01
C ASN D 53 -37.17 -5.23 -0.97
N ARG D 54 -37.62 -5.39 -2.23
CA ARG D 54 -36.76 -5.78 -3.33
C ARG D 54 -35.78 -4.67 -3.69
N ALA D 55 -34.52 -5.04 -3.95
CA ALA D 55 -33.54 -4.12 -4.50
C ALA D 55 -33.89 -3.70 -5.91
N THR D 56 -33.26 -2.62 -6.33
CA THR D 56 -33.46 -1.99 -7.63
C THR D 56 -33.11 -2.99 -8.79
N GLY D 57 -34.08 -3.23 -9.67
CA GLY D 57 -33.94 -4.15 -10.78
C GLY D 57 -34.30 -5.61 -10.51
N ILE D 58 -34.60 -5.97 -9.26
CA ILE D 58 -34.77 -7.38 -8.91
C ILE D 58 -36.15 -7.87 -9.32
N SER D 59 -36.17 -9.05 -9.91
CA SER D 59 -37.39 -9.75 -10.30
C SER D 59 -38.40 -9.82 -9.17
N ASP D 60 -39.65 -9.52 -9.49
CA ASP D 60 -40.80 -9.76 -8.57
C ASP D 60 -41.06 -11.23 -8.17
N ARG D 61 -40.36 -12.18 -8.79
CA ARG D 61 -40.39 -13.59 -8.35
C ARG D 61 -39.75 -13.81 -6.97
N PHE D 62 -38.82 -12.94 -6.57
CA PHE D 62 -38.23 -12.95 -5.23
C PHE D 62 -39.03 -12.05 -4.32
N SER D 63 -39.17 -12.44 -3.06
CA SER D 63 -39.93 -11.64 -2.07
C SER D 63 -39.52 -12.08 -0.68
N GLY D 64 -39.35 -11.12 0.21
CA GLY D 64 -39.04 -11.42 1.61
C GLY D 64 -40.19 -11.13 2.53
N SER D 65 -40.32 -11.89 3.62
CA SER D 65 -41.27 -11.58 4.71
C SER D 65 -40.75 -11.89 6.12
N GLY D 66 -41.43 -11.36 7.13
CA GLY D 66 -41.00 -11.54 8.50
C GLY D 66 -40.46 -10.30 9.18
N SER D 67 -40.07 -10.51 10.45
CA SER D 67 -40.02 -9.45 11.46
C SER D 67 -39.52 -10.02 12.80
N GLY D 68 -38.63 -9.32 13.49
CA GLY D 68 -38.12 -9.81 14.76
C GLY D 68 -37.09 -10.93 14.60
N THR D 69 -37.49 -12.20 14.71
CA THR D 69 -36.54 -13.33 14.70
C THR D 69 -36.66 -14.34 13.55
N ASP D 70 -37.79 -14.37 12.82
CA ASP D 70 -37.99 -15.38 11.78
C ASP D 70 -38.26 -14.68 10.47
N PHE D 71 -37.48 -15.00 9.44
CA PHE D 71 -37.59 -14.40 8.13
C PHE D 71 -37.67 -15.47 7.09
N THR D 72 -38.38 -15.13 6.02
CA THR D 72 -38.49 -16.00 4.84
C THR D 72 -38.14 -15.28 3.54
N LEU D 73 -37.32 -15.91 2.70
CA LEU D 73 -37.17 -15.52 1.29
C LEU D 73 -37.96 -16.54 0.51
N THR D 74 -38.77 -16.05 -0.43
CA THR D 74 -39.62 -16.90 -1.24
C THR D 74 -39.28 -16.64 -2.70
N ILE D 75 -39.19 -17.71 -3.47
CA ILE D 75 -38.92 -17.63 -4.90
C ILE D 75 -40.10 -18.30 -5.63
N SER D 76 -40.87 -17.46 -6.29
CA SER D 76 -42.20 -17.78 -6.76
C SER D 76 -42.31 -19.04 -7.61
N SER D 77 -41.51 -19.07 -8.66
CA SER D 77 -41.71 -20.02 -9.75
C SER D 77 -40.35 -20.35 -10.34
N LEU D 78 -39.71 -21.32 -9.70
CA LEU D 78 -38.28 -21.54 -9.86
C LEU D 78 -37.89 -21.91 -11.29
N GLN D 79 -36.79 -21.35 -11.76
CA GLN D 79 -36.13 -21.77 -13.00
C GLN D 79 -34.71 -22.24 -12.65
N THR D 80 -33.98 -22.72 -13.65
CA THR D 80 -32.60 -23.21 -13.44
C THR D 80 -31.65 -22.10 -12.96
N GLU D 81 -31.77 -20.91 -13.56
CA GLU D 81 -30.94 -19.73 -13.23
C GLU D 81 -30.93 -19.33 -11.74
N ASP D 82 -31.94 -19.78 -10.97
CA ASP D 82 -32.02 -19.55 -9.51
C ASP D 82 -31.27 -20.57 -8.65
N SER D 83 -30.68 -21.59 -9.28
CA SER D 83 -29.74 -22.47 -8.60
C SER D 83 -28.60 -21.60 -8.12
N ALA D 84 -28.48 -21.45 -6.81
CA ALA D 84 -27.45 -20.59 -6.21
C ALA D 84 -27.40 -20.80 -4.71
N VAL D 85 -26.42 -20.19 -4.06
CA VAL D 85 -26.42 -20.09 -2.60
C VAL D 85 -27.01 -18.75 -2.19
N TYR D 86 -27.91 -18.76 -1.22
CA TYR D 86 -28.48 -17.53 -0.73
C TYR D 86 -27.98 -17.33 0.68
N TYR D 87 -27.63 -16.09 1.01
CA TYR D 87 -27.00 -15.74 2.29
C TYR D 87 -27.83 -14.67 2.99
N CYS D 88 -28.11 -14.78 4.29
CA CYS D 88 -28.72 -13.62 5.00
C CYS D 88 -27.69 -12.79 5.81
N GLN D 89 -27.98 -11.50 5.95
CA GLN D 89 -27.13 -10.52 6.61
C GLN D 89 -28.03 -9.70 7.54
N GLN D 90 -27.71 -9.61 8.83
CA GLN D 90 -28.45 -8.66 9.69
C GLN D 90 -27.64 -7.39 9.85
N TYR D 91 -28.34 -6.27 10.14
CA TYR D 91 -27.68 -4.97 10.43
C TYR D 91 -28.37 -4.17 11.53
N TYR D 92 -28.99 -4.90 12.45
CA TYR D 92 -29.70 -4.34 13.60
C TYR D 92 -28.74 -4.03 14.73
N TYR D 93 -27.79 -4.93 14.91
CA TYR D 93 -26.70 -4.77 15.85
C TYR D 93 -25.46 -4.49 15.08
N TRP D 94 -24.49 -3.85 15.72
CA TRP D 94 -23.15 -3.70 15.15
C TRP D 94 -22.38 -4.97 15.48
N PRO D 95 -21.61 -5.53 14.53
CA PRO D 95 -21.32 -5.19 13.13
C PRO D 95 -22.25 -5.86 12.13
N PRO D 96 -22.47 -5.27 10.96
CA PRO D 96 -23.40 -5.86 10.01
C PRO D 96 -22.75 -6.88 9.05
N TYR D 97 -21.44 -7.06 9.13
CA TYR D 97 -20.71 -7.79 8.10
C TYR D 97 -20.57 -9.31 8.34
N ARG D 98 -21.37 -9.91 9.23
CA ARG D 98 -21.45 -11.37 9.28
C ARG D 98 -22.58 -11.84 8.38
N PHE D 99 -22.44 -13.05 7.83
CA PHE D 99 -23.48 -13.72 7.05
C PHE D 99 -23.86 -15.02 7.70
N GLY D 100 -25.06 -15.51 7.36
CA GLY D 100 -25.45 -16.90 7.64
C GLY D 100 -24.63 -17.90 6.82
N GLY D 101 -24.73 -19.17 7.16
CA GLY D 101 -23.97 -20.22 6.52
C GLY D 101 -24.35 -20.52 5.08
N GLY D 102 -25.56 -20.15 4.66
CA GLY D 102 -26.01 -20.34 3.28
C GLY D 102 -27.10 -21.38 3.16
N THR D 103 -28.02 -21.18 2.22
CA THR D 103 -28.93 -22.22 1.80
C THR D 103 -28.67 -22.40 0.32
N LYS D 104 -28.24 -23.60 -0.06
CA LYS D 104 -28.07 -23.95 -1.47
C LYS D 104 -29.38 -24.44 -2.11
N VAL D 105 -29.71 -23.92 -3.29
CA VAL D 105 -30.91 -24.35 -3.99
C VAL D 105 -30.49 -25.16 -5.22
N GLU D 106 -31.07 -26.35 -5.38
CA GLU D 106 -30.85 -27.23 -6.54
C GLU D 106 -32.23 -27.61 -7.10
N ILE D 107 -32.27 -28.02 -8.36
CA ILE D 107 -33.53 -28.41 -9.00
C ILE D 107 -33.86 -29.87 -8.71
N LYS D 108 -35.07 -30.12 -8.19
CA LYS D 108 -35.51 -31.46 -7.80
C LYS D 108 -35.92 -32.31 -8.98
N ARG D 109 -35.70 -33.61 -8.84
CA ARG D 109 -35.83 -34.57 -9.92
C ARG D 109 -36.17 -35.98 -9.33
N THR D 110 -36.70 -36.90 -10.14
CA THR D 110 -36.85 -38.31 -9.70
C THR D 110 -35.48 -38.98 -9.56
N VAL D 111 -35.39 -39.95 -8.65
CA VAL D 111 -34.12 -40.59 -8.24
C VAL D 111 -33.50 -41.32 -9.42
N ALA D 112 -32.28 -40.93 -9.82
CA ALA D 112 -31.54 -41.63 -10.85
C ALA D 112 -30.32 -42.28 -10.23
N ALA D 113 -30.26 -43.60 -10.31
CA ALA D 113 -29.13 -44.38 -9.77
C ALA D 113 -27.86 -44.10 -10.60
N PRO D 114 -26.68 -44.06 -9.97
CA PRO D 114 -25.42 -43.85 -10.72
C PRO D 114 -24.93 -45.06 -11.50
N SER D 115 -24.42 -44.82 -12.72
CA SER D 115 -23.58 -45.82 -13.44
C SER D 115 -22.17 -45.75 -12.94
N VAL D 116 -21.70 -46.85 -12.35
CA VAL D 116 -20.37 -46.89 -11.82
C VAL D 116 -19.43 -47.55 -12.83
N PHE D 117 -18.22 -46.99 -12.89
CA PHE D 117 -17.10 -47.45 -13.72
C PHE D 117 -15.81 -47.28 -12.93
N ILE D 118 -14.87 -48.21 -13.10
CA ILE D 118 -13.56 -48.11 -12.46
C ILE D 118 -12.43 -48.15 -13.51
N PHE D 119 -11.33 -47.48 -13.22
CA PHE D 119 -10.22 -47.34 -14.15
C PHE D 119 -8.91 -47.66 -13.47
N PRO D 120 -8.25 -48.74 -13.89
CA PRO D 120 -6.89 -48.91 -13.38
C PRO D 120 -5.97 -47.80 -13.93
N PRO D 121 -4.82 -47.58 -13.27
CA PRO D 121 -3.86 -46.59 -13.72
C PRO D 121 -3.24 -47.06 -15.00
N SER D 122 -2.90 -46.14 -15.90
CA SER D 122 -2.23 -46.50 -17.15
C SER D 122 -0.78 -46.85 -16.89
N ASP D 123 -0.25 -47.77 -17.71
CA ASP D 123 1.12 -48.27 -17.55
C ASP D 123 2.12 -47.17 -17.78
N GLU D 124 1.76 -46.22 -18.65
CA GLU D 124 2.53 -44.99 -18.82
C GLU D 124 2.69 -44.15 -17.55
N GLN D 125 1.64 -44.02 -16.76
CA GLN D 125 1.76 -43.34 -15.47
C GLN D 125 2.67 -44.11 -14.53
N LEU D 126 2.58 -45.44 -14.54
CA LEU D 126 3.43 -46.25 -13.66
C LEU D 126 4.92 -46.07 -13.96
N LYS D 127 5.30 -45.79 -15.22
CA LYS D 127 6.69 -45.37 -15.54
C LYS D 127 7.15 -44.29 -14.55
N SER D 128 6.27 -43.33 -14.34
CA SER D 128 6.55 -42.09 -13.61
C SER D 128 6.69 -42.22 -12.09
N GLY D 129 6.18 -43.31 -11.50
CA GLY D 129 6.30 -43.55 -10.06
C GLY D 129 5.06 -43.47 -9.16
N THR D 130 3.96 -42.85 -9.62
CA THR D 130 2.67 -42.84 -8.88
C THR D 130 1.54 -43.43 -9.69
N ALA D 131 0.53 -43.97 -8.99
CA ALA D 131 -0.61 -44.64 -9.62
C ALA D 131 -1.95 -44.07 -9.15
N SER D 132 -2.76 -43.58 -10.10
CA SER D 132 -4.10 -43.06 -9.84
C SER D 132 -5.22 -44.05 -10.26
N VAL D 133 -5.96 -44.58 -9.28
CA VAL D 133 -7.15 -45.36 -9.58
C VAL D 133 -8.30 -44.37 -9.53
N VAL D 134 -9.14 -44.35 -10.57
CA VAL D 134 -10.25 -43.44 -10.65
C VAL D 134 -11.55 -44.21 -10.73
N CYS D 135 -12.55 -43.75 -9.98
CA CYS D 135 -13.88 -44.31 -9.98
C CYS D 135 -14.83 -43.22 -10.43
N LEU D 136 -15.77 -43.55 -11.30
CA LEU D 136 -16.66 -42.59 -11.88
C LEU D 136 -18.07 -43.04 -11.60
N LEU D 137 -18.90 -42.12 -11.09
CA LEU D 137 -20.32 -42.35 -10.92
C LEU D 137 -20.99 -41.35 -11.81
N ASN D 138 -21.81 -41.83 -12.73
CA ASN D 138 -22.37 -41.02 -13.78
C ASN D 138 -23.86 -40.84 -13.67
N ASN D 139 -24.27 -39.57 -13.74
CA ASN D 139 -25.66 -39.15 -13.97
C ASN D 139 -26.65 -39.64 -12.97
N PHE D 140 -26.44 -39.24 -11.72
CA PHE D 140 -27.31 -39.59 -10.58
C PHE D 140 -27.98 -38.36 -9.92
N TYR D 141 -29.08 -38.66 -9.23
CA TYR D 141 -29.77 -37.71 -8.43
C TYR D 141 -30.45 -38.51 -7.31
N PRO D 142 -30.42 -37.99 -6.07
CA PRO D 142 -29.77 -36.74 -5.62
C PRO D 142 -28.25 -36.86 -5.43
N ARG D 143 -27.62 -35.71 -5.18
CA ARG D 143 -26.15 -35.61 -5.08
C ARG D 143 -25.54 -36.47 -4.01
N GLU D 144 -26.31 -36.81 -2.96
CA GLU D 144 -25.77 -37.53 -1.80
C GLU D 144 -25.34 -38.93 -2.19
N ALA D 145 -24.05 -39.21 -2.09
CA ALA D 145 -23.53 -40.54 -2.38
C ALA D 145 -22.22 -40.76 -1.70
N LYS D 146 -21.92 -42.03 -1.45
CA LYS D 146 -20.76 -42.39 -0.68
C LYS D 146 -19.93 -43.39 -1.50
N VAL D 147 -18.68 -43.03 -1.73
CA VAL D 147 -17.74 -43.85 -2.45
C VAL D 147 -16.77 -44.34 -1.41
N GLN D 148 -16.59 -45.66 -1.35
CA GLN D 148 -15.65 -46.30 -0.40
C GLN D 148 -14.61 -47.18 -1.14
N TRP D 149 -13.34 -46.81 -1.01
CA TRP D 149 -12.25 -47.53 -1.66
C TRP D 149 -11.79 -48.67 -0.80
N LYS D 150 -11.57 -49.83 -1.42
CA LYS D 150 -11.02 -51.01 -0.74
C LYS D 150 -9.81 -51.59 -1.50
N VAL D 151 -8.74 -51.92 -0.77
CA VAL D 151 -7.54 -52.56 -1.36
C VAL D 151 -7.27 -53.85 -0.60
N ASP D 152 -7.40 -54.99 -1.29
CA ASP D 152 -7.47 -56.34 -0.65
C ASP D 152 -8.50 -56.41 0.48
N ASN D 153 -9.69 -55.87 0.18
CA ASN D 153 -10.81 -55.80 1.11
C ASN D 153 -10.55 -54.90 2.36
N ALA D 154 -9.59 -53.96 2.29
CA ALA D 154 -9.20 -53.09 3.42
C ALA D 154 -9.58 -51.63 3.15
N LEU D 155 -10.30 -51.02 4.09
CA LEU D 155 -10.88 -49.69 3.88
C LEU D 155 -9.83 -48.60 3.80
N GLN D 156 -9.82 -47.91 2.66
CA GLN D 156 -8.89 -46.80 2.43
C GLN D 156 -9.39 -45.55 3.09
N SER D 157 -8.46 -44.81 3.68
CA SER D 157 -8.75 -43.58 4.40
C SER D 157 -7.60 -42.60 4.20
N GLY D 158 -7.89 -41.40 3.73
CA GLY D 158 -6.90 -40.32 3.64
C GLY D 158 -6.13 -40.15 2.33
N ASN D 159 -6.40 -41.04 1.35
CA ASN D 159 -5.63 -41.12 0.09
C ASN D 159 -6.48 -41.00 -1.19
N SER D 160 -7.69 -40.47 -1.07
CA SER D 160 -8.52 -40.20 -2.25
C SER D 160 -8.98 -38.75 -2.28
N GLN D 161 -9.47 -38.30 -3.43
CA GLN D 161 -10.10 -36.97 -3.56
C GLN D 161 -11.31 -37.09 -4.50
N GLU D 162 -12.37 -36.36 -4.19
CA GLU D 162 -13.60 -36.39 -4.98
C GLU D 162 -13.80 -35.07 -5.70
N SER D 163 -14.56 -35.12 -6.78
CA SER D 163 -14.96 -33.93 -7.51
C SER D 163 -16.31 -34.14 -8.20
N VAL D 164 -17.24 -33.20 -8.01
CA VAL D 164 -18.60 -33.28 -8.56
C VAL D 164 -18.83 -32.20 -9.58
N THR D 165 -19.41 -32.56 -10.70
CA THR D 165 -19.90 -31.54 -11.63
C THR D 165 -21.04 -30.72 -11.02
N GLU D 166 -21.16 -29.47 -11.47
CA GLU D 166 -22.37 -28.73 -11.16
C GLU D 166 -23.55 -29.49 -11.76
N GLN D 167 -24.71 -29.36 -11.13
CA GLN D 167 -25.94 -29.97 -11.59
C GLN D 167 -26.19 -29.57 -13.03
N ASP D 168 -26.51 -30.58 -13.84
CA ASP D 168 -26.76 -30.41 -15.25
C ASP D 168 -27.98 -29.54 -15.52
N SER D 169 -27.92 -28.81 -16.63
CA SER D 169 -28.99 -27.91 -17.03
C SER D 169 -30.18 -28.68 -17.53
N LYS D 170 -29.93 -29.67 -18.37
CA LYS D 170 -30.99 -30.44 -19.00
C LYS D 170 -31.54 -31.52 -18.08
N ASP D 171 -30.65 -32.36 -17.55
CA ASP D 171 -31.04 -33.57 -16.81
C ASP D 171 -31.27 -33.34 -15.34
N SER D 172 -30.61 -32.34 -14.76
CA SER D 172 -30.53 -32.09 -13.29
C SER D 172 -29.74 -33.16 -12.51
N THR D 173 -28.93 -33.94 -13.23
CA THR D 173 -28.12 -35.02 -12.66
C THR D 173 -26.78 -34.51 -12.22
N TYR D 174 -26.04 -35.35 -11.50
CA TYR D 174 -24.66 -35.04 -11.08
C TYR D 174 -23.78 -36.16 -11.59
N SER D 175 -22.48 -35.89 -11.75
CA SER D 175 -21.51 -36.96 -11.81
C SER D 175 -20.38 -36.71 -10.83
N LEU D 176 -19.68 -37.78 -10.52
CA LEU D 176 -18.71 -37.76 -9.44
C LEU D 176 -17.52 -38.65 -9.80
N SER D 177 -16.32 -38.14 -9.56
CA SER D 177 -15.11 -38.90 -9.75
C SER D 177 -14.48 -38.96 -8.39
N SER D 178 -14.07 -40.15 -7.98
CA SER D 178 -13.15 -40.29 -6.87
C SER D 178 -11.89 -40.89 -7.43
N THR D 179 -10.74 -40.45 -6.91
CA THR D 179 -9.43 -40.82 -7.39
C THR D 179 -8.59 -41.22 -6.21
N LEU D 180 -8.17 -42.47 -6.19
CA LEU D 180 -7.25 -42.99 -5.18
C LEU D 180 -5.87 -42.75 -5.73
N THR D 181 -4.94 -42.31 -4.89
CA THR D 181 -3.57 -42.02 -5.33
C THR D 181 -2.59 -42.71 -4.42
N LEU D 182 -1.73 -43.53 -5.01
CA LEU D 182 -0.78 -44.34 -4.27
C LEU D 182 0.58 -44.13 -4.89
N SER D 183 1.61 -44.63 -4.22
CA SER D 183 2.93 -44.81 -4.83
C SER D 183 2.92 -46.13 -5.63
N LYS D 184 3.67 -46.15 -6.73
CA LYS D 184 3.87 -47.36 -7.52
C LYS D 184 4.23 -48.54 -6.63
N ALA D 185 5.25 -48.34 -5.81
CA ALA D 185 5.67 -49.33 -4.81
C ALA D 185 4.46 -49.96 -4.12
N ASP D 186 3.66 -49.15 -3.43
CA ASP D 186 2.53 -49.63 -2.60
C ASP D 186 1.37 -50.18 -3.40
N TYR D 187 1.13 -49.58 -4.56
CA TYR D 187 0.17 -50.13 -5.50
C TYR D 187 0.54 -51.56 -5.92
N GLU D 188 1.84 -51.80 -6.13
CA GLU D 188 2.31 -53.11 -6.61
C GLU D 188 2.49 -54.16 -5.51
N LYS D 189 2.32 -53.76 -4.25
CA LYS D 189 2.17 -54.72 -3.15
C LYS D 189 0.81 -55.42 -3.12
N HIS D 190 -0.25 -54.70 -3.49
CA HIS D 190 -1.63 -55.21 -3.36
C HIS D 190 -2.22 -55.66 -4.70
N LYS D 191 -3.22 -56.54 -4.65
CA LYS D 191 -3.76 -57.18 -5.85
C LYS D 191 -5.07 -56.58 -6.30
N VAL D 192 -6.10 -56.62 -5.46
CA VAL D 192 -7.47 -56.23 -5.88
C VAL D 192 -7.84 -54.83 -5.37
N TYR D 193 -8.53 -54.09 -6.24
CA TYR D 193 -8.87 -52.68 -5.99
C TYR D 193 -10.34 -52.49 -6.29
N ALA D 194 -11.09 -52.11 -5.27
CA ALA D 194 -12.54 -52.06 -5.35
C ALA D 194 -13.07 -50.69 -4.99
N CYS D 195 -14.21 -50.40 -5.57
CA CYS D 195 -14.90 -49.14 -5.43
C CYS D 195 -16.34 -49.47 -5.04
N GLU D 196 -16.76 -49.12 -3.83
CA GLU D 196 -18.15 -49.40 -3.39
C GLU D 196 -18.99 -48.11 -3.33
N VAL D 197 -20.13 -48.14 -4.00
CA VAL D 197 -21.01 -46.98 -4.13
C VAL D 197 -22.36 -47.26 -3.48
N THR D 198 -22.66 -46.53 -2.39
CA THR D 198 -24.02 -46.47 -1.86
C THR D 198 -24.74 -45.18 -2.32
N HIS D 199 -25.96 -45.36 -2.77
CA HIS D 199 -26.78 -44.26 -3.19
C HIS D 199 -28.20 -44.76 -3.08
N GLN D 200 -29.09 -43.85 -2.72
CA GLN D 200 -30.47 -44.20 -2.41
C GLN D 200 -31.23 -44.76 -3.63
N GLY D 201 -30.64 -44.72 -4.82
CA GLY D 201 -31.25 -45.23 -6.02
C GLY D 201 -30.91 -46.68 -6.26
N LEU D 202 -29.96 -47.20 -5.48
CA LEU D 202 -29.43 -48.56 -5.57
C LEU D 202 -29.91 -49.39 -4.38
N SER D 203 -30.61 -50.50 -4.62
CA SER D 203 -31.12 -51.39 -3.56
C SER D 203 -30.04 -51.92 -2.64
N SER D 204 -28.82 -52.06 -3.17
CA SER D 204 -27.64 -52.41 -2.39
C SER D 204 -26.39 -51.84 -3.07
N PRO D 205 -25.28 -51.73 -2.32
CA PRO D 205 -24.17 -50.95 -2.86
C PRO D 205 -23.53 -51.66 -4.04
N VAL D 206 -23.20 -50.93 -5.09
CA VAL D 206 -22.55 -51.53 -6.25
C VAL D 206 -21.03 -51.44 -6.08
N THR D 207 -20.34 -52.53 -6.42
CA THR D 207 -18.90 -52.60 -6.36
C THR D 207 -18.35 -53.06 -7.72
N LYS D 208 -17.60 -52.17 -8.36
CA LYS D 208 -16.75 -52.50 -9.50
C LYS D 208 -15.33 -52.59 -8.95
N SER D 209 -14.62 -53.61 -9.42
CA SER D 209 -13.25 -53.84 -8.98
C SER D 209 -12.42 -54.41 -10.10
N PHE D 210 -11.14 -54.57 -9.81
CA PHE D 210 -10.23 -55.25 -10.72
C PHE D 210 -9.00 -55.72 -9.98
N ASN D 211 -8.32 -56.70 -10.57
CA ASN D 211 -7.05 -57.23 -10.08
C ASN D 211 -5.92 -56.85 -11.07
N ARG D 212 -4.73 -56.57 -10.55
CA ARG D 212 -3.54 -56.51 -11.40
C ARG D 212 -3.21 -57.93 -11.90
N GLY D 213 -3.27 -58.15 -13.23
CA GLY D 213 -3.05 -59.47 -13.85
C GLY D 213 -4.02 -60.57 -13.40
N ASP E 1 -25.46 1.76 -13.39
CA ASP E 1 -24.43 2.85 -13.40
C ASP E 1 -23.39 2.71 -12.28
N VAL E 2 -23.79 2.25 -11.08
CA VAL E 2 -22.86 1.96 -9.99
C VAL E 2 -21.99 0.78 -10.41
N GLN E 3 -20.67 0.96 -10.44
CA GLN E 3 -19.77 -0.13 -10.78
C GLN E 3 -18.62 -0.23 -9.80
N LEU E 4 -18.18 -1.45 -9.59
CA LEU E 4 -17.07 -1.78 -8.75
C LEU E 4 -16.25 -2.81 -9.52
N VAL E 5 -14.98 -2.52 -9.74
CA VAL E 5 -14.13 -3.34 -10.61
C VAL E 5 -12.78 -3.59 -9.92
N GLU E 6 -12.60 -4.79 -9.34
CA GLU E 6 -11.36 -5.17 -8.64
C GLU E 6 -10.26 -5.45 -9.66
N SER E 7 -9.01 -5.50 -9.21
CA SER E 7 -7.88 -5.82 -10.07
C SER E 7 -6.64 -6.17 -9.25
N GLY E 8 -5.58 -6.57 -9.98
CA GLY E 8 -4.27 -6.84 -9.41
C GLY E 8 -4.16 -8.17 -8.66
N GLY E 9 -5.04 -9.13 -8.96
CA GLY E 9 -4.89 -10.47 -8.45
C GLY E 9 -3.88 -11.23 -9.27
N GLY E 10 -3.62 -12.48 -8.90
CA GLY E 10 -2.73 -13.34 -9.66
C GLY E 10 -2.10 -14.39 -8.77
N VAL E 11 -1.06 -15.04 -9.29
CA VAL E 11 -0.29 -16.07 -8.56
C VAL E 11 0.83 -15.41 -7.73
N VAL E 12 0.87 -15.72 -6.45
CA VAL E 12 1.81 -15.10 -5.56
C VAL E 12 2.38 -16.16 -4.64
N ARG E 13 3.70 -16.11 -4.43
CA ARG E 13 4.38 -17.07 -3.52
C ARG E 13 4.09 -16.74 -2.04
N PRO E 14 4.08 -17.75 -1.13
CA PRO E 14 3.87 -17.46 0.30
C PRO E 14 4.92 -16.50 0.84
N GLY E 15 4.52 -15.52 1.65
CA GLY E 15 5.45 -14.53 2.20
C GLY E 15 5.54 -13.25 1.38
N GLU E 16 5.32 -13.34 0.06
CA GLU E 16 5.28 -12.17 -0.82
C GLU E 16 4.05 -11.29 -0.50
N SER E 17 3.94 -10.19 -1.23
CA SER E 17 2.87 -9.22 -1.07
C SER E 17 2.05 -9.11 -2.34
N LEU E 18 1.02 -8.28 -2.33
CA LEU E 18 0.11 -8.16 -3.48
C LEU E 18 -0.90 -7.09 -3.12
N ARG E 19 -1.07 -6.13 -4.02
CA ARG E 19 -2.02 -5.04 -3.80
C ARG E 19 -3.19 -5.27 -4.70
N LEU E 20 -4.34 -5.61 -4.10
CA LEU E 20 -5.59 -5.55 -4.85
C LEU E 20 -6.09 -4.11 -4.88
N SER E 21 -6.66 -3.67 -5.99
CA SER E 21 -7.35 -2.37 -6.04
C SER E 21 -8.75 -2.48 -6.62
N CYS E 22 -9.59 -1.54 -6.27
CA CYS E 22 -10.99 -1.55 -6.69
C CYS E 22 -11.40 -0.16 -7.15
N ALA E 23 -11.63 -0.03 -8.46
CA ALA E 23 -12.07 1.23 -9.07
C ALA E 23 -13.60 1.33 -9.04
N ALA E 24 -14.08 2.14 -8.12
CA ALA E 24 -15.49 2.45 -7.97
C ALA E 24 -15.94 3.51 -8.96
N SER E 25 -17.22 3.51 -9.30
CA SER E 25 -17.83 4.59 -10.09
C SER E 25 -19.35 4.53 -10.11
N GLY E 26 -19.96 5.63 -10.57
CA GLY E 26 -21.41 5.76 -10.70
C GLY E 26 -22.09 6.16 -9.41
N PHE E 27 -21.29 6.62 -8.43
CA PHE E 27 -21.76 7.05 -7.10
C PHE E 27 -20.66 7.90 -6.42
N SER E 28 -20.98 8.58 -5.35
CA SER E 28 -19.97 9.35 -4.61
C SER E 28 -19.17 8.43 -3.73
N PHE E 29 -18.08 7.88 -4.25
CA PHE E 29 -17.18 7.03 -3.45
C PHE E 29 -16.92 7.57 -2.03
N SER E 30 -16.67 8.87 -1.94
CA SER E 30 -16.22 9.45 -0.66
C SER E 30 -17.23 9.40 0.50
N SER E 31 -18.50 9.09 0.24
CA SER E 31 -19.52 9.17 1.29
C SER E 31 -19.97 7.83 1.89
N TYR E 32 -19.36 6.74 1.44
CA TYR E 32 -19.72 5.43 1.90
C TYR E 32 -18.56 4.70 2.57
N ALA E 33 -18.92 3.78 3.47
CA ALA E 33 -18.00 2.80 4.02
C ALA E 33 -17.86 1.70 2.99
N MET E 34 -16.70 1.08 2.98
CA MET E 34 -16.29 0.13 1.95
C MET E 34 -15.61 -1.05 2.63
N ASN E 35 -15.80 -2.23 2.02
CA ASN E 35 -15.43 -3.51 2.58
C ASN E 35 -14.76 -4.41 1.51
N TRP E 36 -13.81 -5.25 1.96
CA TRP E 36 -13.37 -6.42 1.23
C TRP E 36 -13.99 -7.66 1.88
N VAL E 37 -14.58 -8.53 1.05
CA VAL E 37 -15.15 -9.82 1.46
C VAL E 37 -14.58 -10.92 0.54
N ARG E 38 -14.11 -12.01 1.14
CA ARG E 38 -13.46 -13.09 0.37
C ARG E 38 -14.23 -14.42 0.45
N GLN E 39 -13.96 -15.28 -0.53
CA GLN E 39 -14.55 -16.59 -0.58
C GLN E 39 -13.49 -17.57 -1.11
N ALA E 40 -12.97 -18.40 -0.23
CA ALA E 40 -12.07 -19.49 -0.60
C ALA E 40 -12.75 -20.56 -1.51
N PRO E 41 -11.95 -21.30 -2.31
CA PRO E 41 -12.53 -22.38 -3.09
C PRO E 41 -13.48 -23.27 -2.28
N GLY E 42 -14.78 -23.16 -2.57
CA GLY E 42 -15.81 -24.04 -1.97
C GLY E 42 -16.44 -23.67 -0.63
N GLU E 43 -15.95 -22.59 -0.02
CA GLU E 43 -16.35 -22.14 1.33
C GLU E 43 -17.44 -21.06 1.24
N GLY E 44 -17.90 -20.58 2.40
CA GLY E 44 -18.83 -19.44 2.50
C GLY E 44 -18.10 -18.11 2.40
N LEU E 45 -18.85 -17.02 2.54
CA LEU E 45 -18.29 -15.70 2.42
C LEU E 45 -17.72 -15.21 3.75
N GLU E 46 -16.49 -14.73 3.71
CA GLU E 46 -15.74 -14.36 4.90
C GLU E 46 -15.37 -12.88 4.79
N TRP E 47 -15.82 -12.04 5.70
CA TRP E 47 -15.45 -10.63 5.69
C TRP E 47 -13.95 -10.45 6.10
N VAL E 48 -13.30 -9.48 5.50
CA VAL E 48 -11.85 -9.34 5.55
C VAL E 48 -11.51 -8.05 6.27
N SER E 49 -12.02 -6.93 5.75
CA SER E 49 -11.81 -5.62 6.40
C SER E 49 -12.77 -4.56 5.90
N ARG E 50 -12.80 -3.46 6.65
CA ARG E 50 -13.68 -2.34 6.41
C ARG E 50 -12.94 -1.03 6.59
N ILE E 51 -13.33 -0.06 5.78
CA ILE E 51 -12.83 1.27 5.94
C ILE E 51 -13.95 2.32 5.88
N ASN E 52 -13.99 3.16 6.91
CA ASN E 52 -14.56 4.52 6.90
C ASN E 52 -14.68 5.21 5.57
N SER E 53 -15.72 6.02 5.43
CA SER E 53 -15.76 7.07 4.41
C SER E 53 -14.46 7.93 4.39
N GLY E 54 -14.07 8.41 5.56
CA GLY E 54 -12.93 9.30 5.69
C GLY E 54 -11.59 8.68 5.42
N GLY E 55 -11.42 7.43 5.82
CA GLY E 55 -10.17 6.69 5.66
C GLY E 55 -9.46 6.33 6.96
N GLY E 56 -9.74 7.07 8.02
CA GLY E 56 -9.04 6.91 9.31
C GLY E 56 -9.50 5.79 10.22
N GLY E 57 -10.66 5.20 9.92
CA GLY E 57 -11.26 4.13 10.72
C GLY E 57 -11.25 2.81 9.98
N THR E 58 -10.69 1.77 10.60
CA THR E 58 -10.16 0.66 9.83
C THR E 58 -10.32 -0.65 10.63
N ASP E 59 -11.22 -1.53 10.22
CA ASP E 59 -11.46 -2.81 10.91
C ASP E 59 -10.97 -3.99 10.10
N TYR E 60 -10.58 -5.08 10.76
CA TYR E 60 -10.08 -6.32 10.12
C TYR E 60 -10.58 -7.60 10.81
N ALA E 61 -10.73 -8.67 10.04
CA ALA E 61 -11.02 -10.00 10.59
C ALA E 61 -9.76 -10.52 11.27
N GLU E 62 -9.92 -11.36 12.28
CA GLU E 62 -8.77 -11.77 13.08
C GLU E 62 -7.77 -12.59 12.27
N SER E 63 -8.25 -13.33 11.25
CA SER E 63 -7.41 -14.08 10.28
C SER E 63 -6.31 -13.26 9.64
N VAL E 64 -6.64 -12.02 9.27
CA VAL E 64 -5.72 -11.15 8.53
C VAL E 64 -5.17 -9.97 9.37
N LYS E 65 -5.54 -9.92 10.64
CA LYS E 65 -5.12 -8.84 11.53
C LYS E 65 -3.60 -8.81 11.59
N GLY E 66 -3.03 -7.67 11.18
CA GLY E 66 -1.60 -7.44 11.29
C GLY E 66 -0.85 -7.69 9.99
N ARG E 67 -1.42 -8.51 9.13
CA ARG E 67 -0.82 -8.82 7.85
C ARG E 67 -1.46 -7.98 6.75
N PHE E 68 -2.77 -7.73 6.85
CA PHE E 68 -3.48 -6.97 5.80
C PHE E 68 -3.67 -5.51 6.18
N THR E 69 -3.89 -4.69 5.17
CA THR E 69 -4.00 -3.24 5.29
C THR E 69 -5.03 -2.74 4.26
N ILE E 70 -6.01 -1.98 4.75
CA ILE E 70 -7.01 -1.37 3.87
C ILE E 70 -6.75 0.14 3.81
N SER E 71 -7.12 0.73 2.70
CA SER E 71 -6.86 2.13 2.42
C SER E 71 -7.69 2.59 1.21
N ARG E 72 -7.87 3.89 1.07
CA ARG E 72 -8.65 4.42 -0.05
C ARG E 72 -8.09 5.73 -0.56
N ASP E 73 -8.40 6.03 -1.82
CA ASP E 73 -8.06 7.30 -2.45
C ASP E 73 -9.37 7.94 -2.90
N ASN E 74 -9.94 8.81 -2.06
CA ASN E 74 -11.21 9.48 -2.40
C ASN E 74 -11.08 10.41 -3.61
N SER E 75 -9.88 10.88 -3.92
CA SER E 75 -9.64 11.67 -5.14
C SER E 75 -9.90 10.85 -6.39
N GLU E 76 -9.18 9.76 -6.52
CA GLU E 76 -9.25 8.88 -7.69
C GLU E 76 -10.27 7.74 -7.56
N ASN E 77 -11.19 7.82 -6.60
CA ASN E 77 -12.30 6.85 -6.42
C ASN E 77 -11.89 5.36 -6.40
N THR E 78 -10.87 5.06 -5.60
CA THR E 78 -10.25 3.73 -5.60
C THR E 78 -10.05 3.21 -4.18
N LEU E 79 -10.34 1.91 -3.99
CA LEU E 79 -10.16 1.24 -2.73
C LEU E 79 -9.04 0.22 -2.92
N TYR E 80 -8.23 0.04 -1.87
CA TYR E 80 -7.09 -0.87 -1.89
C TYR E 80 -7.09 -1.92 -0.80
N LEU E 81 -6.34 -2.99 -1.07
CA LEU E 81 -5.98 -3.99 -0.07
C LEU E 81 -4.57 -4.43 -0.35
N GLN E 82 -3.70 -4.09 0.59
CA GLN E 82 -2.31 -4.54 0.70
C GLN E 82 -2.33 -5.84 1.50
N MET E 83 -1.87 -6.93 0.91
CA MET E 83 -1.88 -8.25 1.57
C MET E 83 -0.45 -8.69 1.68
N ASN E 84 0.12 -8.54 2.86
CA ASN E 84 1.52 -8.85 3.10
C ASN E 84 1.61 -10.15 3.85
N SER E 85 2.77 -10.80 3.77
CA SER E 85 3.03 -12.03 4.50
C SER E 85 1.93 -13.08 4.25
N LEU E 86 1.70 -13.42 2.98
CA LEU E 86 0.57 -14.26 2.57
C LEU E 86 0.79 -15.77 2.85
N ARG E 87 -0.32 -16.50 2.99
CA ARG E 87 -0.33 -17.95 3.26
C ARG E 87 -1.32 -18.63 2.31
N ALA E 88 -1.35 -19.97 2.35
CA ALA E 88 -2.18 -20.77 1.44
C ALA E 88 -3.68 -20.55 1.64
N GLU E 89 -4.10 -20.45 2.89
CA GLU E 89 -5.50 -20.13 3.29
C GLU E 89 -6.01 -18.74 2.89
N ASP E 90 -5.10 -17.83 2.52
CA ASP E 90 -5.48 -16.52 1.96
C ASP E 90 -5.90 -16.61 0.47
N THR E 91 -5.73 -17.80 -0.14
CA THR E 91 -6.22 -18.09 -1.50
C THR E 91 -7.73 -18.00 -1.56
N ALA E 92 -8.20 -17.09 -2.41
CA ALA E 92 -9.62 -16.88 -2.61
C ALA E 92 -9.90 -15.93 -3.75
N VAL E 93 -11.18 -15.81 -4.13
CA VAL E 93 -11.70 -14.65 -4.85
C VAL E 93 -12.06 -13.55 -3.82
N TYR E 94 -11.49 -12.36 -4.04
CA TYR E 94 -11.74 -11.18 -3.20
C TYR E 94 -12.73 -10.26 -3.88
N TYR E 95 -13.77 -9.86 -3.15
CA TYR E 95 -14.75 -8.90 -3.68
C TYR E 95 -14.70 -7.60 -2.88
N CYS E 96 -14.86 -6.45 -3.53
CA CYS E 96 -15.03 -5.20 -2.79
C CYS E 96 -16.54 -5.01 -2.67
N ALA E 97 -16.95 -4.42 -1.57
CA ALA E 97 -18.35 -4.29 -1.27
C ALA E 97 -18.61 -2.85 -0.76
N LYS E 98 -19.73 -2.28 -1.21
CA LYS E 98 -20.18 -0.98 -0.76
C LYS E 98 -21.30 -1.16 0.26
N GLN E 99 -21.25 -0.35 1.34
CA GLN E 99 -22.34 -0.31 2.31
C GLN E 99 -23.42 0.70 1.96
N TYR E 100 -24.64 0.30 2.25
CA TYR E 100 -25.84 1.12 2.00
C TYR E 100 -25.76 2.39 2.81
N ASP E 101 -25.27 2.21 4.02
CA ASP E 101 -24.76 3.28 4.82
C ASP E 101 -23.85 2.64 5.87
N TRP E 102 -23.22 3.47 6.67
CA TRP E 102 -22.12 3.06 7.52
C TRP E 102 -22.33 1.77 8.37
N ASN E 103 -23.58 1.50 8.76
CA ASN E 103 -23.85 0.32 9.55
C ASN E 103 -24.92 -0.64 9.00
N SER E 104 -25.17 -0.55 7.68
CA SER E 104 -26.13 -1.41 6.99
C SER E 104 -25.47 -2.51 6.10
N PHE E 105 -26.33 -3.35 5.54
CA PHE E 105 -26.02 -4.32 4.50
C PHE E 105 -25.13 -3.87 3.35
N PHE E 106 -24.70 -4.86 2.58
CA PHE E 106 -23.92 -4.59 1.42
C PHE E 106 -24.81 -4.35 0.23
N ASP E 107 -24.57 -3.21 -0.38
CA ASP E 107 -25.42 -2.60 -1.38
C ASP E 107 -25.09 -3.15 -2.78
N TYR E 108 -23.80 -3.14 -3.10
CA TYR E 108 -23.30 -3.57 -4.39
C TYR E 108 -22.02 -4.37 -4.21
N TRP E 109 -21.78 -5.24 -5.15
CA TRP E 109 -20.59 -6.07 -5.10
C TRP E 109 -19.75 -5.78 -6.35
N GLY E 110 -18.45 -6.02 -6.23
CA GLY E 110 -17.57 -6.03 -7.41
C GLY E 110 -17.60 -7.36 -8.13
N LEU E 111 -16.81 -7.50 -9.18
CA LEU E 111 -16.80 -8.73 -10.01
C LEU E 111 -15.97 -9.80 -9.35
N GLY E 112 -14.85 -9.40 -8.78
CA GLY E 112 -14.02 -10.25 -7.93
C GLY E 112 -12.69 -10.50 -8.59
N ALA E 113 -11.63 -10.59 -7.77
CA ALA E 113 -10.26 -10.79 -8.23
C ALA E 113 -9.70 -12.00 -7.53
N LEU E 114 -9.24 -12.97 -8.31
CA LEU E 114 -8.71 -14.23 -7.76
C LEU E 114 -7.25 -14.05 -7.35
N VAL E 115 -6.93 -14.63 -6.19
CA VAL E 115 -5.60 -14.60 -5.62
C VAL E 115 -5.30 -16.05 -5.24
N THR E 116 -4.42 -16.72 -6.00
CA THR E 116 -3.93 -18.07 -5.61
C THR E 116 -2.52 -17.91 -5.05
N VAL E 117 -2.29 -18.54 -3.89
CA VAL E 117 -1.05 -18.46 -3.15
C VAL E 117 -0.44 -19.87 -3.14
N SER E 118 0.77 -20.01 -3.67
CA SER E 118 1.40 -21.34 -3.91
C SER E 118 2.91 -21.24 -4.24
N SER E 119 3.69 -22.21 -3.78
CA SER E 119 5.13 -22.29 -4.10
C SER E 119 5.44 -22.97 -5.45
N ALA E 120 4.43 -23.17 -6.29
CA ALA E 120 4.51 -24.10 -7.41
C ALA E 120 4.91 -23.36 -8.66
N SER E 121 5.85 -23.95 -9.40
CA SER E 121 6.26 -23.39 -10.70
C SER E 121 5.20 -23.74 -11.73
N THR E 122 4.98 -22.84 -12.68
CA THR E 122 4.17 -23.11 -13.86
C THR E 122 4.58 -24.41 -14.55
N LYS E 123 3.56 -25.17 -14.96
CA LYS E 123 3.76 -26.52 -15.44
C LYS E 123 2.64 -27.00 -16.36
N GLY E 124 3.02 -27.71 -17.42
CA GLY E 124 2.06 -28.38 -18.27
C GLY E 124 1.55 -29.65 -17.62
N PRO E 125 0.34 -30.07 -18.00
CA PRO E 125 -0.15 -31.37 -17.58
C PRO E 125 0.49 -32.52 -18.36
N SER E 126 0.66 -33.65 -17.69
CA SER E 126 0.79 -34.93 -18.35
C SER E 126 -0.59 -35.57 -18.33
N VAL E 127 -1.09 -35.92 -19.51
CA VAL E 127 -2.39 -36.54 -19.74
C VAL E 127 -2.25 -38.06 -19.78
N PHE E 128 -3.08 -38.76 -19.01
CA PHE E 128 -3.08 -40.24 -18.99
C PHE E 128 -4.46 -40.76 -19.39
N PRO E 129 -4.52 -41.93 -20.04
CA PRO E 129 -5.80 -42.44 -20.56
C PRO E 129 -6.57 -43.19 -19.49
N LEU E 130 -7.89 -43.09 -19.54
CA LEU E 130 -8.80 -43.95 -18.73
C LEU E 130 -9.48 -44.87 -19.74
N ALA E 131 -8.90 -46.06 -19.87
CA ALA E 131 -9.30 -47.07 -20.81
C ALA E 131 -10.70 -47.54 -20.49
N PRO E 132 -11.56 -47.70 -21.50
CA PRO E 132 -12.81 -48.38 -21.24
C PRO E 132 -12.54 -49.88 -21.05
N SER E 133 -13.28 -50.49 -20.12
CA SER E 133 -13.13 -51.90 -19.75
C SER E 133 -14.15 -52.78 -20.49
N SER E 134 -14.13 -54.09 -20.22
CA SER E 134 -15.11 -55.08 -20.73
C SER E 134 -15.86 -55.76 -19.55
N LYS E 135 -15.09 -56.30 -18.61
CA LYS E 135 -15.54 -56.82 -17.30
C LYS E 135 -16.92 -56.32 -16.84
N GLY E 140 -24.67 -51.83 -23.35
CA GLY E 140 -24.45 -51.09 -24.60
C GLY E 140 -23.99 -49.65 -24.39
N THR E 141 -23.08 -49.47 -23.43
CA THR E 141 -22.52 -48.15 -23.11
C THR E 141 -21.21 -48.30 -22.33
N ALA E 142 -20.19 -47.56 -22.74
CA ALA E 142 -18.89 -47.59 -22.12
C ALA E 142 -18.54 -46.18 -21.78
N ALA E 143 -17.47 -46.03 -21.03
CA ALA E 143 -17.00 -44.74 -20.63
C ALA E 143 -15.50 -44.74 -20.74
N LEU E 144 -14.99 -43.65 -21.33
CA LEU E 144 -13.58 -43.40 -21.58
C LEU E 144 -13.26 -42.08 -20.96
N GLY E 145 -11.99 -41.89 -20.62
CA GLY E 145 -11.55 -40.60 -20.18
C GLY E 145 -10.08 -40.30 -20.28
N CYS E 146 -9.72 -39.17 -19.66
CA CYS E 146 -8.37 -38.63 -19.58
C CYS E 146 -8.10 -38.10 -18.19
N LEU E 147 -7.12 -38.68 -17.50
CA LEU E 147 -6.64 -38.14 -16.25
C LEU E 147 -5.61 -37.03 -16.56
N VAL E 148 -6.00 -35.78 -16.39
CA VAL E 148 -5.10 -34.65 -16.63
C VAL E 148 -4.42 -34.25 -15.31
N LYS E 149 -3.19 -34.69 -15.11
CA LYS E 149 -2.54 -34.65 -13.82
C LYS E 149 -1.30 -33.75 -13.76
N ASP E 150 -1.15 -33.06 -12.61
CA ASP E 150 0.04 -32.27 -12.22
C ASP E 150 0.31 -31.07 -13.11
N TYR E 151 -0.64 -30.16 -13.12
CA TYR E 151 -0.52 -28.85 -13.77
C TYR E 151 -0.72 -27.68 -12.81
N PHE E 152 -0.24 -26.50 -13.22
CA PHE E 152 -0.37 -25.25 -12.47
C PHE E 152 -0.06 -24.03 -13.35
N PRO E 153 -0.83 -22.94 -13.21
CA PRO E 153 -2.08 -22.79 -12.47
C PRO E 153 -3.23 -23.30 -13.29
N GLU E 154 -4.42 -23.29 -12.72
CA GLU E 154 -5.61 -23.36 -13.55
C GLU E 154 -5.62 -22.18 -14.52
N PRO E 155 -6.42 -22.27 -15.59
CA PRO E 155 -7.26 -23.38 -16.00
C PRO E 155 -6.57 -24.24 -17.04
N VAL E 156 -7.05 -25.47 -17.14
CA VAL E 156 -6.77 -26.33 -18.28
C VAL E 156 -8.07 -26.38 -19.02
N THR E 157 -8.01 -26.58 -20.33
CA THR E 157 -9.21 -26.75 -21.17
C THR E 157 -9.22 -28.16 -21.80
N VAL E 158 -10.42 -28.70 -22.03
CA VAL E 158 -10.58 -30.07 -22.56
C VAL E 158 -11.70 -30.21 -23.59
N SER E 159 -11.36 -30.81 -24.71
CA SER E 159 -12.31 -31.19 -25.74
C SER E 159 -12.06 -32.64 -26.13
N TRP E 160 -12.99 -33.19 -26.91
CA TRP E 160 -12.89 -34.57 -27.43
C TRP E 160 -13.03 -34.53 -28.93
N ASN E 161 -12.05 -35.13 -29.63
CA ASN E 161 -12.03 -35.12 -31.09
C ASN E 161 -12.18 -33.70 -31.66
N SER E 162 -11.34 -32.78 -31.16
CA SER E 162 -11.25 -31.40 -31.68
C SER E 162 -12.57 -30.62 -31.65
N GLY E 163 -13.38 -30.82 -30.61
CA GLY E 163 -14.71 -30.16 -30.48
C GLY E 163 -15.90 -30.90 -31.10
N ALA E 164 -15.62 -31.98 -31.84
CA ALA E 164 -16.63 -32.77 -32.58
C ALA E 164 -17.42 -33.72 -31.68
N LEU E 165 -16.83 -34.17 -30.58
CA LEU E 165 -17.54 -35.01 -29.60
C LEU E 165 -17.89 -34.23 -28.32
N THR E 166 -19.18 -34.04 -28.05
CA THR E 166 -19.66 -33.22 -26.92
C THR E 166 -20.75 -33.86 -26.07
N SER E 167 -21.79 -34.41 -26.72
CA SER E 167 -22.85 -35.22 -26.08
C SER E 167 -22.31 -36.35 -25.19
N GLY E 168 -22.59 -36.28 -23.87
CA GLY E 168 -22.13 -37.27 -22.87
C GLY E 168 -20.83 -36.95 -22.13
N VAL E 169 -20.27 -35.76 -22.37
CA VAL E 169 -18.94 -35.40 -21.84
C VAL E 169 -19.07 -34.76 -20.48
N HIS E 170 -18.19 -35.14 -19.58
CA HIS E 170 -18.10 -34.56 -18.26
C HIS E 170 -16.65 -34.21 -17.94
N THR E 171 -16.41 -32.94 -17.67
CA THR E 171 -15.10 -32.44 -17.31
C THR E 171 -15.19 -31.90 -15.89
N PHE E 172 -14.39 -32.47 -15.00
CA PHE E 172 -14.60 -32.26 -13.59
C PHE E 172 -13.87 -31.01 -13.11
N PRO E 173 -14.40 -30.40 -12.04
CA PRO E 173 -13.61 -29.35 -11.39
C PRO E 173 -12.25 -29.90 -11.01
N ALA E 174 -11.22 -29.06 -11.09
CA ALA E 174 -9.88 -29.42 -10.63
C ALA E 174 -9.87 -29.57 -9.11
N VAL E 175 -9.06 -30.50 -8.63
CA VAL E 175 -8.79 -30.61 -7.19
C VAL E 175 -7.31 -30.25 -6.94
N LEU E 176 -7.02 -29.65 -5.80
CA LEU E 176 -5.66 -29.29 -5.44
C LEU E 176 -5.07 -30.44 -4.67
N GLN E 177 -4.07 -31.07 -5.25
CA GLN E 177 -3.37 -32.18 -4.58
C GLN E 177 -2.36 -31.63 -3.57
N SER E 178 -1.94 -32.48 -2.62
CA SER E 178 -0.97 -32.10 -1.57
C SER E 178 0.37 -31.54 -2.06
N SER E 179 0.79 -31.92 -3.26
CA SER E 179 1.97 -31.35 -3.93
C SER E 179 1.84 -29.90 -4.42
N GLY E 180 0.69 -29.25 -4.23
CA GLY E 180 0.47 -27.88 -4.70
C GLY E 180 0.08 -27.76 -6.17
N LEU E 181 -0.02 -28.90 -6.87
CA LEU E 181 -0.40 -28.96 -8.28
C LEU E 181 -1.85 -29.45 -8.39
N TYR E 182 -2.49 -29.06 -9.48
CA TYR E 182 -3.84 -29.50 -9.80
C TYR E 182 -3.92 -30.82 -10.57
N SER E 183 -5.15 -31.32 -10.67
CA SER E 183 -5.47 -32.53 -11.38
C SER E 183 -6.95 -32.57 -11.68
N LEU E 184 -7.31 -33.08 -12.85
CA LEU E 184 -8.71 -33.36 -13.14
C LEU E 184 -8.86 -34.60 -14.01
N SER E 185 -10.12 -34.96 -14.28
CA SER E 185 -10.45 -35.97 -15.30
C SER E 185 -11.55 -35.44 -16.20
N SER E 186 -11.55 -35.89 -17.43
CA SER E 186 -12.65 -35.63 -18.34
C SER E 186 -13.09 -36.98 -18.78
N VAL E 187 -14.40 -37.19 -18.85
CA VAL E 187 -14.92 -38.49 -19.23
C VAL E 187 -16.06 -38.36 -20.20
N VAL E 188 -16.21 -39.36 -21.06
CA VAL E 188 -17.33 -39.40 -21.99
C VAL E 188 -17.91 -40.79 -22.01
N THR E 189 -19.22 -40.88 -22.23
CA THR E 189 -19.86 -42.16 -22.39
C THR E 189 -20.22 -42.32 -23.84
N VAL E 190 -20.06 -43.56 -24.34
CA VAL E 190 -20.21 -43.91 -25.77
C VAL E 190 -20.73 -45.36 -25.98
N PRO E 191 -21.39 -45.65 -27.13
CA PRO E 191 -21.81 -47.04 -27.37
C PRO E 191 -20.62 -48.02 -27.42
N SER E 192 -20.75 -49.16 -26.75
CA SER E 192 -19.70 -50.21 -26.73
C SER E 192 -19.21 -50.66 -28.12
N SER E 193 -20.17 -50.81 -29.03
CA SER E 193 -19.92 -51.14 -30.41
C SER E 193 -18.87 -50.26 -31.07
N SER E 194 -18.81 -49.00 -30.69
CA SER E 194 -17.88 -48.04 -31.28
C SER E 194 -16.43 -48.23 -30.87
N LEU E 195 -16.15 -48.85 -29.73
CA LEU E 195 -14.77 -48.90 -29.22
C LEU E 195 -13.91 -49.66 -30.22
N GLY E 196 -12.69 -49.16 -30.46
CA GLY E 196 -11.75 -49.79 -31.40
C GLY E 196 -12.02 -49.45 -32.85
N THR E 197 -13.26 -49.18 -33.20
CA THR E 197 -13.65 -48.72 -34.53
C THR E 197 -13.56 -47.21 -34.64
N GLN E 198 -14.01 -46.48 -33.61
CA GLN E 198 -13.92 -45.03 -33.58
C GLN E 198 -12.70 -44.45 -32.86
N THR E 199 -12.39 -43.23 -33.29
CA THR E 199 -11.30 -42.42 -32.78
C THR E 199 -11.84 -41.77 -31.51
N TYR E 200 -11.10 -41.89 -30.40
CA TYR E 200 -11.36 -41.08 -29.21
C TYR E 200 -10.07 -40.43 -28.75
N ILE E 201 -9.96 -39.12 -29.01
CA ILE E 201 -8.78 -38.32 -28.73
C ILE E 201 -9.21 -37.17 -27.85
N CYS E 202 -8.51 -37.01 -26.75
CA CYS E 202 -8.82 -35.95 -25.83
C CYS E 202 -7.73 -34.88 -25.98
N ASN E 203 -8.18 -33.71 -26.43
CA ASN E 203 -7.30 -32.59 -26.66
C ASN E 203 -7.27 -31.79 -25.38
N VAL E 204 -6.09 -31.65 -24.80
CA VAL E 204 -5.91 -30.92 -23.54
C VAL E 204 -5.01 -29.72 -23.82
N ASN E 205 -5.47 -28.53 -23.44
CA ASN E 205 -4.70 -27.30 -23.67
C ASN E 205 -4.53 -26.52 -22.36
N HIS E 206 -3.29 -26.14 -22.08
CA HIS E 206 -2.92 -25.41 -20.88
C HIS E 206 -2.14 -24.15 -21.28
N LYS E 207 -2.90 -23.10 -21.58
CA LYS E 207 -2.36 -21.83 -22.13
C LYS E 207 -1.28 -21.15 -21.26
N PRO E 208 -1.48 -21.08 -19.93
CA PRO E 208 -0.39 -20.57 -19.06
C PRO E 208 1.02 -21.19 -19.21
N SER E 209 1.16 -22.30 -19.92
CA SER E 209 2.47 -22.92 -20.15
C SER E 209 2.75 -23.20 -21.62
N ASN E 210 1.84 -22.83 -22.52
CA ASN E 210 1.94 -23.18 -23.95
C ASN E 210 2.09 -24.68 -24.14
N THR E 211 0.97 -25.37 -23.97
CA THR E 211 0.92 -26.83 -24.03
C THR E 211 -0.36 -27.22 -24.76
N LYS E 212 -0.21 -27.93 -25.87
CA LYS E 212 -1.30 -28.70 -26.47
C LYS E 212 -0.83 -30.15 -26.50
N VAL E 213 -1.63 -31.01 -25.88
CA VAL E 213 -1.41 -32.44 -25.87
C VAL E 213 -2.65 -33.07 -26.45
N ASP E 214 -2.46 -34.14 -27.21
CA ASP E 214 -3.55 -34.97 -27.71
C ASP E 214 -3.26 -36.44 -27.44
N LYS E 215 -4.11 -37.07 -26.62
CA LYS E 215 -3.93 -38.45 -26.26
C LYS E 215 -5.06 -39.33 -26.82
N LYS E 216 -4.67 -40.35 -27.57
CA LYS E 216 -5.61 -41.33 -28.09
C LYS E 216 -5.88 -42.36 -26.99
N VAL E 217 -7.16 -42.62 -26.72
CA VAL E 217 -7.57 -43.60 -25.71
C VAL E 217 -8.24 -44.74 -26.45
N GLU E 218 -7.67 -45.93 -26.30
CA GLU E 218 -8.23 -47.12 -26.88
C GLU E 218 -8.44 -48.13 -25.74
N PRO E 219 -9.18 -49.22 -26.02
CA PRO E 219 -9.25 -50.36 -25.08
C PRO E 219 -7.90 -51.01 -24.90
N LYS E 220 -7.62 -51.49 -23.69
CA LYS E 220 -6.37 -52.19 -23.42
C LYS E 220 -6.54 -53.67 -23.69
N SER E 221 -5.41 -54.34 -23.87
CA SER E 221 -5.34 -55.67 -24.45
C SER E 221 -4.79 -56.70 -23.46
N CYS E 222 -5.43 -57.88 -23.41
CA CYS E 222 -4.98 -59.03 -22.60
C CYS E 222 -5.27 -60.35 -23.35
N GLU F 3 -16.67 32.92 14.73
CA GLU F 3 -17.81 33.47 15.56
C GLU F 3 -19.17 32.78 15.32
N LEU F 4 -19.33 32.17 14.13
CA LEU F 4 -20.37 31.16 13.90
C LEU F 4 -20.27 30.04 14.93
N GLN F 5 -21.36 29.83 15.66
CA GLN F 5 -21.48 28.72 16.62
C GLN F 5 -22.43 27.65 16.10
N VAL F 6 -22.08 26.37 16.32
CA VAL F 6 -22.98 25.23 16.00
C VAL F 6 -23.54 24.60 17.30
N ILE F 7 -24.84 24.81 17.55
CA ILE F 7 -25.46 24.38 18.81
C ILE F 7 -26.27 23.10 18.57
N GLN F 8 -26.02 22.08 19.37
CA GLN F 8 -26.81 20.84 19.39
C GLN F 8 -27.58 20.84 20.71
N PRO F 9 -28.86 21.26 20.67
CA PRO F 9 -29.68 21.43 21.87
C PRO F 9 -29.65 20.32 22.90
N ASP F 10 -29.90 19.09 22.47
CA ASP F 10 -30.42 18.06 23.39
C ASP F 10 -29.40 17.36 24.32
N LYS F 11 -28.15 17.15 23.89
CA LYS F 11 -27.15 16.41 24.71
C LYS F 11 -27.41 14.90 24.84
N SER F 12 -28.60 14.52 25.29
CA SER F 12 -29.03 13.12 25.34
C SER F 12 -30.38 12.98 24.64
N VAL F 13 -30.47 12.11 23.63
CA VAL F 13 -31.75 11.65 23.07
C VAL F 13 -31.84 10.15 23.34
N LEU F 14 -33.05 9.67 23.57
CA LEU F 14 -33.30 8.26 23.86
C LEU F 14 -34.58 7.91 23.15
N VAL F 15 -34.56 6.82 22.38
CA VAL F 15 -35.66 6.47 21.50
C VAL F 15 -35.89 4.98 21.64
N ALA F 16 -36.99 4.49 21.10
CA ALA F 16 -37.23 3.04 21.10
C ALA F 16 -36.82 2.44 19.77
N ALA F 17 -36.48 1.16 19.81
CA ALA F 17 -36.05 0.44 18.63
C ALA F 17 -37.16 0.54 17.60
N GLY F 18 -36.83 1.09 16.42
CA GLY F 18 -37.78 1.26 15.31
C GLY F 18 -38.26 2.69 15.05
N GLU F 19 -38.21 3.52 16.08
CA GLU F 19 -38.68 4.89 15.99
C GLU F 19 -37.56 5.78 15.37
N THR F 20 -38.02 6.87 14.75
CA THR F 20 -37.15 7.87 14.14
C THR F 20 -36.67 8.85 15.18
N ALA F 21 -35.41 9.25 15.09
CA ALA F 21 -34.77 10.08 16.07
C ALA F 21 -34.45 11.40 15.38
N THR F 22 -34.93 12.49 15.98
CA THR F 22 -34.58 13.82 15.51
C THR F 22 -33.40 14.28 16.33
N LEU F 23 -32.29 14.56 15.64
CA LEU F 23 -31.09 15.09 16.27
C LEU F 23 -31.01 16.56 15.89
N ARG F 24 -31.12 17.43 16.87
CA ARG F 24 -31.30 18.86 16.62
C ARG F 24 -29.98 19.61 16.50
N CYS F 25 -29.92 20.53 15.54
CA CYS F 25 -28.75 21.38 15.33
C CYS F 25 -29.13 22.73 14.73
N THR F 26 -28.33 23.73 15.04
CA THR F 26 -28.61 25.09 14.62
C THR F 26 -27.26 25.77 14.36
N ALA F 27 -27.13 26.54 13.29
CA ALA F 27 -25.93 27.38 13.06
C ALA F 27 -26.33 28.83 13.30
N THR F 28 -25.44 29.61 13.91
CA THR F 28 -25.78 30.99 14.26
C THR F 28 -25.36 32.02 13.19
N SER F 29 -24.72 31.57 12.10
CA SER F 29 -24.28 32.43 11.00
C SER F 29 -24.23 31.65 9.68
N LEU F 30 -24.04 32.36 8.56
CA LEU F 30 -23.83 31.75 7.22
C LEU F 30 -22.49 32.10 6.57
N ILE F 31 -21.70 32.96 7.24
CA ILE F 31 -20.64 33.71 6.56
C ILE F 31 -19.40 32.87 6.28
N PRO F 32 -18.92 32.08 7.26
CA PRO F 32 -17.91 31.10 6.81
C PRO F 32 -18.71 30.13 5.96
N VAL F 33 -18.63 30.26 4.64
CA VAL F 33 -19.49 29.46 3.73
C VAL F 33 -18.97 28.02 3.68
N GLY F 34 -19.88 27.06 3.49
CA GLY F 34 -19.51 25.65 3.27
C GLY F 34 -20.53 24.65 3.79
N PRO F 35 -20.40 23.37 3.39
CA PRO F 35 -21.37 22.33 3.75
C PRO F 35 -21.36 21.92 5.22
N ILE F 36 -22.54 21.57 5.74
CA ILE F 36 -22.66 20.91 7.04
C ILE F 36 -22.65 19.40 6.80
N GLN F 37 -21.99 18.65 7.70
CA GLN F 37 -21.98 17.18 7.66
C GLN F 37 -22.24 16.61 9.05
N TRP F 38 -22.92 15.46 9.12
CA TRP F 38 -23.10 14.75 10.38
C TRP F 38 -22.22 13.52 10.47
N PHE F 39 -21.69 13.28 11.66
CA PHE F 39 -20.83 12.16 11.98
C PHE F 39 -21.28 11.51 13.29
N ARG F 40 -21.01 10.21 13.41
CA ARG F 40 -21.08 9.51 14.69
C ARG F 40 -19.65 9.32 15.18
N GLY F 41 -19.36 9.81 16.39
CA GLY F 41 -18.01 9.75 16.96
C GLY F 41 -17.16 10.95 16.60
N ALA F 42 -15.97 11.06 17.21
CA ALA F 42 -15.09 12.27 17.09
C ALA F 42 -13.81 12.10 16.27
N GLY F 43 -13.11 10.99 16.46
CA GLY F 43 -11.78 10.83 15.88
C GLY F 43 -11.72 10.64 14.37
N PRO F 44 -10.53 10.28 13.85
CA PRO F 44 -10.48 9.88 12.45
C PRO F 44 -11.24 8.55 12.19
N GLY F 45 -11.59 7.79 13.24
CA GLY F 45 -12.55 6.68 13.13
C GLY F 45 -14.06 7.01 12.97
N ARG F 46 -14.42 8.28 13.02
CA ARG F 46 -15.82 8.71 12.88
C ARG F 46 -16.48 8.27 11.58
N GLU F 47 -17.80 8.14 11.64
CA GLU F 47 -18.60 7.61 10.54
C GLU F 47 -19.51 8.65 9.94
N LEU F 48 -19.52 8.75 8.61
CA LEU F 48 -20.32 9.73 7.92
C LEU F 48 -21.79 9.35 7.95
N ILE F 49 -22.59 10.23 8.56
CA ILE F 49 -24.01 10.05 8.74
C ILE F 49 -24.80 10.78 7.66
N TYR F 50 -24.38 12.00 7.35
CA TYR F 50 -24.98 12.84 6.31
C TYR F 50 -24.02 13.91 5.82
N ASN F 51 -24.19 14.35 4.59
CA ASN F 51 -23.38 15.41 4.02
C ASN F 51 -24.26 16.19 3.10
N GLN F 52 -24.37 17.49 3.36
CA GLN F 52 -25.14 18.42 2.55
C GLN F 52 -24.79 18.43 1.04
N LYS F 53 -23.51 18.37 0.74
CA LYS F 53 -23.01 18.60 -0.61
C LYS F 53 -23.23 17.41 -1.53
N GLU F 54 -23.33 16.21 -0.98
CA GLU F 54 -23.02 15.04 -1.77
C GLU F 54 -23.31 13.72 -1.07
N GLY F 55 -23.88 12.78 -1.82
CA GLY F 55 -24.16 11.42 -1.37
C GLY F 55 -25.64 11.16 -1.18
N HIS F 56 -26.00 9.88 -1.12
CA HIS F 56 -27.38 9.45 -0.88
C HIS F 56 -27.34 8.78 0.47
N PHE F 57 -28.06 9.38 1.42
CA PHE F 57 -28.16 8.85 2.78
C PHE F 57 -29.56 8.35 3.05
N PRO F 58 -29.82 7.06 2.73
CA PRO F 58 -31.21 6.55 2.57
C PRO F 58 -32.11 6.61 3.81
N ARG F 59 -31.53 6.64 5.02
CA ARG F 59 -32.30 6.76 6.27
C ARG F 59 -32.47 8.17 6.83
N VAL F 60 -31.76 9.14 6.25
CA VAL F 60 -31.78 10.48 6.78
C VAL F 60 -32.66 11.41 5.95
N THR F 61 -33.50 12.19 6.62
CA THR F 61 -34.08 13.41 6.01
C THR F 61 -33.68 14.65 6.80
N THR F 62 -33.57 15.77 6.11
CA THR F 62 -33.33 17.04 6.79
C THR F 62 -34.66 17.58 7.36
N VAL F 63 -34.65 18.04 8.60
CA VAL F 63 -35.71 18.92 9.08
C VAL F 63 -35.40 20.24 8.38
N SER F 64 -36.35 20.71 7.56
CA SER F 64 -36.19 21.93 6.75
C SER F 64 -35.14 21.87 5.60
N ASP F 65 -35.35 22.75 4.63
CA ASP F 65 -34.72 22.69 3.30
C ASP F 65 -33.35 23.37 3.29
N LEU F 66 -32.30 22.59 3.03
CA LEU F 66 -30.93 23.10 3.10
C LEU F 66 -30.49 23.95 1.90
N THR F 67 -31.18 23.82 0.76
CA THR F 67 -30.90 24.63 -0.43
C THR F 67 -31.21 26.13 -0.24
N LYS F 68 -32.28 26.42 0.52
CA LYS F 68 -32.87 27.77 0.60
C LYS F 68 -31.88 28.81 1.09
N ARG F 69 -32.11 30.05 0.64
CA ARG F 69 -31.12 31.13 0.72
C ARG F 69 -30.38 31.15 2.04
N ASN F 70 -31.12 31.39 3.11
CA ASN F 70 -30.52 31.67 4.41
C ASN F 70 -30.95 30.64 5.45
N ASN F 71 -30.91 29.36 5.06
CA ASN F 71 -31.25 28.28 5.99
C ASN F 71 -30.19 28.13 7.06
N MET F 72 -30.63 28.07 8.31
CA MET F 72 -29.73 27.92 9.44
C MET F 72 -29.95 26.71 10.33
N ASP F 73 -31.08 26.01 10.18
CA ASP F 73 -31.27 24.76 10.94
C ASP F 73 -30.87 23.50 10.11
N PHE F 74 -29.89 22.78 10.67
CA PHE F 74 -29.30 21.59 10.07
C PHE F 74 -29.63 20.35 10.89
N SER F 75 -30.84 20.34 11.45
CA SER F 75 -31.36 19.20 12.19
C SER F 75 -31.68 18.14 11.17
N ILE F 76 -31.49 16.89 11.58
CA ILE F 76 -31.84 15.75 10.75
C ILE F 76 -32.68 14.78 11.52
N ARG F 77 -33.42 13.95 10.78
CA ARG F 77 -34.12 12.78 11.29
C ARG F 77 -33.40 11.54 10.80
N ILE F 78 -33.20 10.55 11.68
CA ILE F 78 -32.63 9.28 11.31
C ILE F 78 -33.65 8.20 11.62
N GLY F 79 -34.28 7.70 10.57
CA GLY F 79 -35.31 6.67 10.69
C GLY F 79 -34.80 5.26 10.97
N ALA F 80 -35.68 4.46 11.60
CA ALA F 80 -35.45 3.05 11.90
C ALA F 80 -34.18 2.84 12.73
N ILE F 81 -34.20 3.42 13.93
CA ILE F 81 -33.11 3.36 14.90
C ILE F 81 -33.09 2.04 15.70
N THR F 82 -31.89 1.46 15.81
CA THR F 82 -31.62 0.18 16.47
C THR F 82 -30.33 0.30 17.27
N PRO F 83 -29.94 -0.75 18.01
CA PRO F 83 -28.75 -0.63 18.82
C PRO F 83 -27.51 -0.27 18.03
N ALA F 84 -27.40 -0.72 16.77
CA ALA F 84 -26.29 -0.36 15.88
C ALA F 84 -26.03 1.14 15.76
N ASP F 85 -27.07 1.96 15.92
CA ASP F 85 -26.93 3.42 15.83
C ASP F 85 -26.53 4.12 17.10
N ALA F 86 -26.40 3.41 18.21
CA ALA F 86 -26.04 4.04 19.46
C ALA F 86 -24.66 4.74 19.34
N GLY F 87 -24.49 5.83 20.08
CA GLY F 87 -23.27 6.65 20.03
C GLY F 87 -23.57 8.14 19.97
N THR F 88 -22.52 8.93 19.82
CA THR F 88 -22.57 10.38 19.91
C THR F 88 -22.45 10.99 18.53
N TYR F 89 -23.54 11.67 18.11
CA TYR F 89 -23.67 12.34 16.83
C TYR F 89 -23.26 13.82 16.92
N TYR F 90 -22.58 14.29 15.88
CA TYR F 90 -21.98 15.62 15.85
C TYR F 90 -22.37 16.36 14.60
N CYS F 91 -22.95 17.55 14.77
CA CYS F 91 -23.25 18.46 13.68
C CYS F 91 -21.98 19.23 13.44
N VAL F 92 -21.38 19.07 12.28
CA VAL F 92 -20.06 19.65 12.00
C VAL F 92 -20.07 20.48 10.74
N LYS F 93 -19.74 21.77 10.90
CA LYS F 93 -19.60 22.76 9.79
C LYS F 93 -18.25 22.66 9.14
N PHE F 94 -18.26 22.55 7.81
CA PHE F 94 -17.03 22.55 7.03
C PHE F 94 -16.91 23.89 6.31
N ARG F 95 -15.69 24.34 6.05
CA ARG F 95 -15.47 25.54 5.23
C ARG F 95 -15.12 25.16 3.79
N LYS F 96 -15.24 26.15 2.91
CA LYS F 96 -14.88 26.04 1.51
C LYS F 96 -13.40 25.76 1.43
N GLY F 97 -13.07 24.64 0.78
CA GLY F 97 -11.71 24.17 0.57
C GLY F 97 -11.26 24.34 -0.86
N SER F 98 -9.96 24.11 -1.07
CA SER F 98 -9.32 24.14 -2.39
C SER F 98 -9.25 22.70 -2.96
N PRO F 99 -8.37 21.82 -2.42
CA PRO F 99 -8.45 20.43 -2.86
C PRO F 99 -9.69 19.70 -2.32
N ASP F 100 -9.97 19.89 -1.03
CA ASP F 100 -11.10 19.24 -0.35
C ASP F 100 -11.59 20.10 0.84
N ASP F 101 -12.88 19.95 1.18
CA ASP F 101 -13.54 20.71 2.26
C ASP F 101 -12.84 20.42 3.60
N VAL F 102 -12.61 21.47 4.39
CA VAL F 102 -11.87 21.34 5.68
C VAL F 102 -12.82 21.65 6.83
N GLU F 103 -12.69 20.90 7.93
CA GLU F 103 -13.54 21.08 9.11
C GLU F 103 -13.28 22.46 9.74
N PHE F 104 -14.37 23.14 10.13
CA PHE F 104 -14.33 24.48 10.74
C PHE F 104 -14.72 24.48 12.22
N LYS F 105 -15.93 24.01 12.53
CA LYS F 105 -16.33 23.85 13.94
C LYS F 105 -17.42 22.79 14.11
N SER F 106 -17.45 22.20 15.30
CA SER F 106 -18.34 21.07 15.59
C SER F 106 -19.24 21.42 16.77
N GLY F 107 -20.38 20.74 16.83
CA GLY F 107 -21.26 20.84 17.99
C GLY F 107 -20.66 20.14 19.19
N ALA F 108 -21.30 20.30 20.35
CA ALA F 108 -20.87 19.62 21.58
C ALA F 108 -21.17 18.10 21.55
N GLY F 109 -22.22 17.69 20.84
CA GLY F 109 -22.58 16.28 20.70
C GLY F 109 -23.92 15.98 21.33
N THR F 110 -24.66 15.07 20.70
CA THR F 110 -25.91 14.53 21.23
C THR F 110 -25.74 13.01 21.30
N GLU F 111 -25.92 12.40 22.47
CA GLU F 111 -25.83 10.95 22.65
C GLU F 111 -27.17 10.26 22.39
N LEU F 112 -27.22 9.44 21.34
CA LEU F 112 -28.41 8.64 21.01
C LEU F 112 -28.29 7.26 21.66
N SER F 113 -29.41 6.79 22.21
CA SER F 113 -29.48 5.50 22.92
C SER F 113 -30.77 4.78 22.55
N VAL F 114 -30.86 3.50 22.90
CA VAL F 114 -32.05 2.71 22.62
C VAL F 114 -32.52 1.99 23.89
N ARG F 115 -33.84 2.04 24.17
CA ARG F 115 -34.46 1.31 25.30
C ARG F 115 -34.35 -0.23 25.26
N ALA F 116 -34.90 -0.88 26.29
CA ALA F 116 -35.21 -2.32 26.29
C ALA F 116 -36.56 -2.56 26.97
#